data_4PTC
#
_entry.id   4PTC
#
_cell.length_a   79.786
_cell.length_b   81.894
_cell.length_c   177.081
_cell.angle_alpha   90.00
_cell.angle_beta   90.00
_cell.angle_gamma   90.00
#
_symmetry.space_group_name_H-M   'P 21 21 21'
#
loop_
_entity.id
_entity.type
_entity.pdbx_description
1 polymer 'Glycogen synthase kinase-3 beta'
2 non-polymer 2-[2-(cyclopropylcarbonylamino)pyridin-4-yl]-4-methoxy-1,3-thiazole-5-carboxamide
3 water water
#
_entity_poly.entity_id   1
_entity_poly.type   'polypeptide(L)'
_entity_poly.pdbx_seq_one_letter_code
;MHSSHHHHHHSSGENLYFQGHMSGRPRTTSFAESCKPVQQPSAFGSMKVSRDKDGSKVTTVVATPGQGPDRPQEVSYTDT
KVIGNGSFGVVYQAKLCDSGELVAIKKVLQDKRFKNRELQIMRKLDHCNIVRLRYFFYSSGEKKDEVYLNLVLDYVPETV
YRVARHYSRAKQTLPVIYVKLYMYQLFRSLAYIHSFGICHRDIKPQNLLLDPDTAVLKLCDFGSAKQLVRGEPNVSYICS
RYYRAPELIFGATDYTSSIDVWSAGCVLAELLLGQPIFPGDSGVDQLVEIIKVLGTPTREQIREMNPNYTEFKFPQIKAH
PWTKVFRPRTPPEAIALCSRLLEYTPTARLTPLEACAHSFFDELRDPNVKLPNGRDTPALFNFTTQELSSNPPLATILIP
PHARIQAAASTPTNATAASDANTGDRGQTNNAASASASNST
;
_entity_poly.pdbx_strand_id   A,B
#
loop_
_chem_comp.id
_chem_comp.type
_chem_comp.name
_chem_comp.formula
2WE non-polymer 2-[2-(cyclopropylcarbonylamino)pyridin-4-yl]-4-methoxy-1,3-thiazole-5-carboxamide 'C14 H14 N4 O3 S'
#
# COMPACT_ATOMS: atom_id res chain seq x y z
N LYS A 57 -31.69 3.05 23.82
CA LYS A 57 -31.51 4.36 23.21
C LYS A 57 -31.90 4.35 21.73
N VAL A 58 -33.11 4.82 21.43
CA VAL A 58 -33.60 4.87 20.06
C VAL A 58 -33.33 6.24 19.44
N THR A 59 -32.82 6.25 18.22
CA THR A 59 -32.59 7.49 17.48
C THR A 59 -33.53 7.59 16.27
N THR A 60 -34.24 8.71 16.15
CA THR A 60 -35.19 8.97 15.05
C THR A 60 -34.73 10.09 14.10
N VAL A 61 -34.25 9.72 12.92
CA VAL A 61 -33.85 10.70 11.92
C VAL A 61 -34.98 10.91 10.89
N VAL A 62 -34.85 11.96 10.06
CA VAL A 62 -35.76 12.13 8.93
C VAL A 62 -34.97 11.85 7.66
N ALA A 63 -35.11 10.63 7.18
CA ALA A 63 -34.30 10.13 6.08
C ALA A 63 -35.03 10.21 4.75
N THR A 64 -34.26 10.45 3.70
CA THR A 64 -34.75 10.48 2.34
C THR A 64 -34.51 9.10 1.79
N PRO A 65 -35.57 8.48 1.25
CA PRO A 65 -35.41 7.15 0.63
C PRO A 65 -34.40 7.27 -0.48
N GLY A 66 -33.73 6.16 -0.80
CA GLY A 66 -32.59 6.19 -1.69
C GLY A 66 -33.00 6.35 -3.12
N GLN A 67 -34.03 5.63 -3.50
CA GLN A 67 -34.53 5.68 -4.85
C GLN A 67 -35.90 6.31 -4.83
N GLY A 68 -36.47 6.54 -6.00
CA GLY A 68 -37.80 7.11 -6.10
C GLY A 68 -37.83 8.56 -5.66
N PRO A 69 -39.04 9.08 -5.43
CA PRO A 69 -39.26 10.50 -5.16
C PRO A 69 -38.56 10.96 -3.89
N ASP A 70 -37.87 12.09 -4.00
CA ASP A 70 -37.17 12.71 -2.89
C ASP A 70 -38.16 13.09 -1.79
N ARG A 71 -38.66 12.11 -1.07
CA ARG A 71 -39.70 12.32 -0.05
C ARG A 71 -39.33 11.67 1.28
N PRO A 72 -38.83 12.47 2.22
CA PRO A 72 -38.31 12.02 3.51
C PRO A 72 -39.38 11.38 4.41
N GLN A 73 -39.01 10.34 5.13
CA GLN A 73 -39.88 9.70 6.11
C GLN A 73 -39.16 9.69 7.45
N GLU A 74 -39.91 9.66 8.55
CA GLU A 74 -39.28 9.47 9.85
C GLU A 74 -38.80 8.04 9.94
N VAL A 75 -37.51 7.89 10.20
CA VAL A 75 -36.90 6.57 10.36
C VAL A 75 -36.28 6.45 11.75
N SER A 76 -36.73 5.44 12.51
CA SER A 76 -36.17 5.16 13.83
C SER A 76 -35.27 3.94 13.81
N TYR A 77 -34.23 3.96 14.65
CA TYR A 77 -33.36 2.80 14.80
C TYR A 77 -32.72 2.76 16.19
N THR A 78 -32.33 1.56 16.58
CA THR A 78 -31.74 1.31 17.89
C THR A 78 -30.50 0.44 17.73
N ASP A 79 -29.98 -0.02 18.86
CA ASP A 79 -28.84 -0.94 18.93
C ASP A 79 -27.66 -0.54 18.04
N THR A 80 -27.23 0.71 18.15
CA THR A 80 -26.10 1.21 17.39
C THR A 80 -24.78 0.60 17.86
N LYS A 81 -24.16 -0.19 16.99
CA LYS A 81 -22.82 -0.72 17.24
C LYS A 81 -21.91 -0.26 16.11
N VAL A 82 -20.60 -0.27 16.32
CA VAL A 82 -19.69 0.21 15.28
C VAL A 82 -19.12 -0.97 14.52
N ILE A 83 -19.23 -0.92 13.19
CA ILE A 83 -18.83 -2.01 12.32
C ILE A 83 -17.47 -1.72 11.67
N GLY A 84 -17.15 -0.45 11.47
CA GLY A 84 -15.92 -0.11 10.79
C GLY A 84 -15.57 1.36 10.82
N ASN A 85 -14.30 1.66 10.57
CA ASN A 85 -13.78 3.02 10.58
C ASN A 85 -12.72 3.16 9.50
N GLY A 86 -12.90 4.15 8.62
CA GLY A 86 -11.98 4.33 7.51
C GLY A 86 -11.67 5.79 7.25
N SER A 87 -10.96 6.07 6.16
CA SER A 87 -10.57 7.44 5.81
C SER A 87 -11.79 8.35 5.71
N PHE A 88 -12.85 7.82 5.12
CA PHE A 88 -14.10 8.55 4.91
C PHE A 88 -14.73 9.04 6.22
N GLY A 89 -14.67 8.19 7.25
CA GLY A 89 -15.42 8.37 8.48
C GLY A 89 -15.67 7.04 9.17
N VAL A 90 -16.79 6.95 9.90
CA VAL A 90 -17.14 5.70 10.61
C VAL A 90 -18.35 5.00 9.99
N VAL A 91 -18.41 3.68 10.14
CA VAL A 91 -19.55 2.89 9.71
C VAL A 91 -20.23 2.17 10.88
N TYR A 92 -21.42 2.61 11.23
CA TYR A 92 -22.17 2.00 12.32
C TYR A 92 -23.12 0.94 11.80
N GLN A 93 -23.62 0.13 12.71
CA GLN A 93 -24.67 -0.84 12.43
C GLN A 93 -25.81 -0.53 13.36
N ALA A 94 -27.04 -0.52 12.86
CA ALA A 94 -28.20 -0.33 13.73
C ALA A 94 -29.36 -1.22 13.33
N LYS A 95 -30.33 -1.37 14.23
CA LYS A 95 -31.55 -2.11 13.93
C LYS A 95 -32.67 -1.13 13.68
N LEU A 96 -33.30 -1.20 12.51
CA LEU A 96 -34.47 -0.38 12.23
C LEU A 96 -35.63 -0.83 13.09
N CYS A 97 -36.26 0.10 13.77
CA CYS A 97 -37.41 -0.24 14.62
C CYS A 97 -38.62 -0.70 13.82
N ASP A 98 -38.88 -0.05 12.69
CA ASP A 98 -40.07 -0.33 11.92
C ASP A 98 -39.94 -1.59 11.07
N SER A 99 -39.00 -2.47 11.43
CA SER A 99 -38.72 -3.65 10.63
C SER A 99 -37.92 -4.71 11.35
N GLY A 100 -37.05 -4.27 12.27
CA GLY A 100 -36.10 -5.17 12.89
C GLY A 100 -34.90 -5.39 11.97
N GLU A 101 -35.04 -4.99 10.71
CA GLU A 101 -33.98 -5.13 9.72
C GLU A 101 -32.69 -4.43 10.18
N LEU A 102 -31.55 -5.09 9.98
CA LEU A 102 -30.26 -4.52 10.35
C LEU A 102 -29.65 -3.71 9.21
N VAL A 103 -29.29 -2.47 9.49
CA VAL A 103 -28.66 -1.61 8.49
C VAL A 103 -27.23 -1.19 8.88
N ALA A 104 -26.42 -0.98 7.87
CA ALA A 104 -25.12 -0.35 8.03
C ALA A 104 -25.22 1.12 7.67
N ILE A 105 -25.14 1.98 8.68
CA ILE A 105 -25.06 3.43 8.50
C ILE A 105 -23.62 3.90 8.35
N LYS A 106 -23.34 4.67 7.30
CA LYS A 106 -21.97 5.15 7.05
C LYS A 106 -21.90 6.68 7.10
N LYS A 107 -21.20 7.26 8.08
CA LYS A 107 -21.12 8.73 8.16
C LYS A 107 -19.90 9.23 7.40
N VAL A 108 -20.10 10.31 6.65
CA VAL A 108 -19.04 10.93 5.87
C VAL A 108 -19.28 12.42 5.82
N LEU A 109 -18.24 13.22 6.02
CA LEU A 109 -18.40 14.68 5.99
C LEU A 109 -18.80 15.13 4.59
N GLN A 110 -19.63 16.18 4.51
CA GLN A 110 -20.01 16.73 3.22
C GLN A 110 -19.44 18.13 3.08
N ASP A 111 -18.61 18.30 2.06
CA ASP A 111 -18.08 19.62 1.74
C ASP A 111 -19.20 20.47 1.20
N LYS A 112 -19.28 21.70 1.67
CA LYS A 112 -20.31 22.64 1.22
C LYS A 112 -20.21 22.88 -0.29
N ARG A 113 -19.00 22.68 -0.82
CA ARG A 113 -18.71 22.94 -2.24
C ARG A 113 -19.69 22.26 -3.19
N PHE A 114 -19.41 21.01 -3.56
CA PHE A 114 -20.26 20.33 -4.54
C PHE A 114 -21.09 19.22 -3.89
N LYS A 115 -22.10 18.76 -4.61
CA LYS A 115 -22.93 17.65 -4.12
C LYS A 115 -22.04 16.42 -3.91
N ASN A 116 -22.54 15.45 -3.13
CA ASN A 116 -21.75 14.26 -2.86
C ASN A 116 -21.86 13.26 -4.00
N ARG A 117 -20.73 13.01 -4.65
CA ARG A 117 -20.62 12.13 -5.80
C ARG A 117 -21.07 10.69 -5.49
N GLU A 118 -20.70 10.17 -4.32
CA GLU A 118 -21.12 8.84 -3.92
C GLU A 118 -22.66 8.71 -3.85
N LEU A 119 -23.30 9.62 -3.13
CA LEU A 119 -24.75 9.68 -3.05
C LEU A 119 -25.34 9.78 -4.46
N GLN A 120 -24.76 10.63 -5.31
CA GLN A 120 -25.35 10.82 -6.65
C GLN A 120 -25.23 9.51 -7.42
N ILE A 121 -24.14 8.79 -7.21
CA ILE A 121 -23.94 7.52 -7.88
C ILE A 121 -24.82 6.44 -7.24
N MET A 122 -24.82 6.37 -5.91
CA MET A 122 -25.60 5.34 -5.24
C MET A 122 -27.09 5.52 -5.47
N ARG A 123 -27.52 6.77 -5.59
CA ARG A 123 -28.95 7.09 -5.80
C ARG A 123 -29.43 6.64 -7.15
N LYS A 124 -28.52 6.41 -8.10
CA LYS A 124 -28.91 5.98 -9.44
C LYS A 124 -28.70 4.48 -9.64
N LEU A 125 -28.13 3.80 -8.65
CA LEU A 125 -27.76 2.40 -8.80
C LEU A 125 -28.87 1.48 -8.31
N ASP A 126 -29.30 0.55 -9.17
CA ASP A 126 -30.36 -0.39 -8.84
C ASP A 126 -30.04 -1.77 -9.40
N HIS A 127 -29.61 -2.67 -8.54
CA HIS A 127 -29.10 -3.97 -8.98
C HIS A 127 -28.92 -4.86 -7.75
N CYS A 128 -29.17 -6.15 -7.91
CA CYS A 128 -29.27 -7.07 -6.79
C CYS A 128 -27.88 -7.50 -6.32
N ASN A 129 -26.87 -6.99 -7.01
CA ASN A 129 -25.48 -7.27 -6.67
C ASN A 129 -24.69 -6.01 -6.32
N ILE A 130 -25.41 -4.96 -5.94
CA ILE A 130 -24.84 -3.73 -5.42
C ILE A 130 -25.57 -3.48 -4.11
N VAL A 131 -24.83 -3.11 -3.06
CA VAL A 131 -25.45 -2.85 -1.75
C VAL A 131 -26.52 -1.78 -1.95
N ARG A 132 -27.66 -1.99 -1.33
CA ARG A 132 -28.81 -1.14 -1.53
C ARG A 132 -28.78 0.06 -0.60
N LEU A 133 -28.90 1.25 -1.18
CA LEU A 133 -29.03 2.46 -0.39
C LEU A 133 -30.46 2.58 0.14
N ARG A 134 -30.70 2.14 1.36
CA ARG A 134 -32.02 2.26 1.97
C ARG A 134 -32.41 3.72 2.10
N TYR A 135 -31.63 4.50 2.85
CA TYR A 135 -31.89 5.93 2.97
C TYR A 135 -30.59 6.72 3.05
N PHE A 136 -30.74 8.02 3.21
CA PHE A 136 -29.62 8.86 3.53
C PHE A 136 -30.14 10.08 4.25
N PHE A 137 -29.33 10.62 5.17
CA PHE A 137 -29.75 11.80 5.92
C PHE A 137 -28.54 12.61 6.39
N TYR A 138 -28.83 13.73 7.07
CA TYR A 138 -27.79 14.67 7.42
C TYR A 138 -27.71 14.91 8.94
N SER A 139 -26.50 14.85 9.50
CA SER A 139 -26.34 14.97 10.95
C SER A 139 -25.29 16.00 11.34
N SER A 140 -25.31 16.39 12.62
CA SER A 140 -24.44 17.44 13.17
C SER A 140 -22.95 17.23 12.90
N ASP A 145 -18.31 22.18 14.16
CA ASP A 145 -19.63 22.63 13.76
C ASP A 145 -19.81 22.55 12.24
N GLU A 146 -19.83 21.32 11.71
CA GLU A 146 -19.98 21.08 10.27
C GLU A 146 -20.97 19.93 10.01
N VAL A 147 -21.17 19.58 8.73
CA VAL A 147 -22.24 18.65 8.33
C VAL A 147 -21.81 17.32 7.69
N TYR A 148 -22.23 16.21 8.32
CA TYR A 148 -21.94 14.86 7.81
C TYR A 148 -23.11 14.30 7.02
N LEU A 149 -22.80 13.58 5.94
CA LEU A 149 -23.81 12.83 5.20
C LEU A 149 -23.81 11.37 5.66
N ASN A 150 -25.00 10.86 5.96
CA ASN A 150 -25.14 9.50 6.46
C ASN A 150 -25.85 8.61 5.48
N LEU A 151 -25.13 7.65 4.93
CA LEU A 151 -25.72 6.69 4.01
C LEU A 151 -26.24 5.45 4.75
N VAL A 152 -27.56 5.24 4.78
CA VAL A 152 -28.13 4.07 5.42
C VAL A 152 -28.17 2.87 4.46
N LEU A 153 -27.25 1.94 4.63
CA LEU A 153 -27.17 0.79 3.75
C LEU A 153 -27.76 -0.46 4.36
N ASP A 154 -28.28 -1.34 3.50
CA ASP A 154 -28.61 -2.72 3.90
C ASP A 154 -27.37 -3.43 4.45
N TYR A 155 -27.48 -3.96 5.66
CA TYR A 155 -26.35 -4.68 6.26
C TYR A 155 -26.26 -6.10 5.69
N VAL A 156 -25.07 -6.50 5.26
CA VAL A 156 -24.82 -7.90 4.92
C VAL A 156 -23.77 -8.47 5.91
N PRO A 157 -23.98 -9.72 6.36
CA PRO A 157 -23.27 -10.35 7.48
C PRO A 157 -21.78 -10.58 7.29
N GLU A 158 -21.36 -10.99 6.10
CA GLU A 158 -19.97 -11.38 5.89
C GLU A 158 -19.34 -10.65 4.70
N THR A 159 -18.08 -10.94 4.42
CA THR A 159 -17.38 -10.31 3.31
C THR A 159 -16.42 -11.32 2.71
N VAL A 160 -15.98 -11.05 1.49
CA VAL A 160 -15.11 -11.97 0.81
C VAL A 160 -13.80 -12.01 1.58
N TYR A 161 -13.41 -10.87 2.12
CA TYR A 161 -12.17 -10.75 2.89
C TYR A 161 -12.20 -11.63 4.15
N ARG A 162 -13.23 -11.43 4.98
CA ARG A 162 -13.42 -12.25 6.19
C ARG A 162 -13.53 -13.75 5.87
N VAL A 163 -14.24 -14.08 4.79
CA VAL A 163 -14.51 -15.49 4.48
C VAL A 163 -13.22 -16.15 4.04
N ALA A 164 -12.52 -15.50 3.10
CA ALA A 164 -11.27 -16.06 2.62
C ALA A 164 -10.24 -16.28 3.75
N ARG A 165 -10.07 -15.30 4.64
CA ARG A 165 -9.09 -15.41 5.73
C ARG A 165 -9.41 -16.64 6.57
N HIS A 166 -10.69 -16.85 6.83
CA HIS A 166 -11.14 -18.00 7.60
C HIS A 166 -10.58 -19.26 6.97
N TYR A 167 -10.92 -19.46 5.70
CA TYR A 167 -10.41 -20.61 4.97
C TYR A 167 -8.89 -20.59 4.99
N SER A 168 -8.29 -19.45 4.63
CA SER A 168 -6.83 -19.29 4.65
C SER A 168 -6.23 -19.73 5.98
N ARG A 169 -6.75 -19.20 7.09
CA ARG A 169 -6.18 -19.48 8.42
C ARG A 169 -6.49 -20.90 8.90
N ALA A 170 -7.34 -21.61 8.16
CA ALA A 170 -7.63 -23.02 8.45
C ALA A 170 -6.86 -23.92 7.48
N LYS A 171 -6.10 -23.28 6.60
CA LYS A 171 -5.24 -23.94 5.62
C LYS A 171 -5.99 -24.70 4.53
N GLN A 172 -7.32 -24.62 4.52
CA GLN A 172 -8.07 -25.24 3.43
C GLN A 172 -8.70 -24.18 2.52
N THR A 173 -8.81 -24.49 1.23
CA THR A 173 -9.26 -23.50 0.23
C THR A 173 -10.78 -23.35 0.16
N LEU A 174 -11.24 -22.18 -0.27
CA LEU A 174 -12.65 -21.94 -0.51
C LEU A 174 -13.08 -22.79 -1.69
N PRO A 175 -14.18 -23.55 -1.55
CA PRO A 175 -14.61 -24.48 -2.60
C PRO A 175 -15.02 -23.74 -3.86
N VAL A 176 -14.65 -24.30 -5.00
CA VAL A 176 -14.80 -23.65 -6.30
C VAL A 176 -16.19 -23.13 -6.60
N ILE A 177 -17.23 -23.80 -6.10
CA ILE A 177 -18.58 -23.39 -6.46
C ILE A 177 -18.84 -22.03 -5.86
N TYR A 178 -18.21 -21.76 -4.73
CA TYR A 178 -18.35 -20.44 -4.10
C TYR A 178 -17.55 -19.44 -4.90
N VAL A 179 -16.50 -19.90 -5.56
CA VAL A 179 -15.71 -18.98 -6.35
C VAL A 179 -16.53 -18.60 -7.56
N LYS A 180 -17.15 -19.59 -8.19
CA LYS A 180 -18.06 -19.36 -9.31
C LYS A 180 -19.20 -18.42 -8.90
N LEU A 181 -19.89 -18.78 -7.83
CA LEU A 181 -21.01 -17.97 -7.36
C LEU A 181 -20.58 -16.53 -7.04
N TYR A 182 -19.54 -16.36 -6.24
CA TYR A 182 -19.14 -14.99 -5.85
C TYR A 182 -18.55 -14.22 -7.04
N MET A 183 -17.78 -14.89 -7.87
CA MET A 183 -17.14 -14.19 -8.99
C MET A 183 -18.13 -13.78 -10.07
N TYR A 184 -19.05 -14.68 -10.41
CA TYR A 184 -20.11 -14.38 -11.37
C TYR A 184 -20.90 -13.15 -10.96
N GLN A 185 -21.28 -13.12 -9.69
CA GLN A 185 -22.05 -12.01 -9.19
C GLN A 185 -21.22 -10.74 -9.22
N LEU A 186 -19.92 -10.87 -8.96
CA LEU A 186 -19.05 -9.70 -8.99
C LEU A 186 -19.03 -9.11 -10.39
N PHE A 187 -18.74 -9.94 -11.39
CA PHE A 187 -18.71 -9.46 -12.77
C PHE A 187 -20.08 -8.92 -13.19
N ARG A 188 -21.17 -9.39 -12.58
CA ARG A 188 -22.49 -8.86 -12.94
C ARG A 188 -22.64 -7.41 -12.50
N SER A 189 -22.33 -7.13 -11.24
CA SER A 189 -22.31 -5.74 -10.76
C SER A 189 -21.38 -4.86 -11.58
N LEU A 190 -20.28 -5.43 -12.05
CA LEU A 190 -19.37 -4.63 -12.87
C LEU A 190 -19.98 -4.32 -14.20
N ALA A 191 -20.56 -5.36 -14.82
CA ALA A 191 -21.20 -5.19 -16.12
C ALA A 191 -22.30 -4.14 -16.03
N TYR A 192 -22.97 -4.13 -14.88
CA TYR A 192 -23.96 -3.12 -14.57
C TYR A 192 -23.37 -1.72 -14.51
N ILE A 193 -22.52 -1.50 -13.50
CA ILE A 193 -22.03 -0.16 -13.23
C ILE A 193 -21.19 0.33 -14.40
N HIS A 194 -20.57 -0.58 -15.13
CA HIS A 194 -19.82 -0.14 -16.30
C HIS A 194 -20.71 0.43 -17.39
N SER A 195 -21.88 -0.17 -17.58
CA SER A 195 -22.75 0.23 -18.69
C SER A 195 -23.21 1.68 -18.56
N PHE A 196 -23.26 2.21 -17.34
CA PHE A 196 -23.45 3.63 -17.15
C PHE A 196 -22.13 4.41 -17.35
N GLY A 197 -21.03 3.71 -17.58
CA GLY A 197 -19.73 4.37 -17.67
C GLY A 197 -19.10 4.62 -16.31
N ILE A 198 -19.62 3.95 -15.30
CA ILE A 198 -19.21 4.15 -13.91
C ILE A 198 -18.20 3.13 -13.43
N CYS A 199 -16.97 3.59 -13.23
CA CYS A 199 -15.88 2.75 -12.74
C CYS A 199 -15.73 2.79 -11.22
N HIS A 200 -15.65 1.62 -10.60
CA HIS A 200 -15.67 1.51 -9.14
C HIS A 200 -14.37 1.97 -8.47
N ARG A 201 -13.26 1.51 -9.05
CA ARG A 201 -11.91 1.98 -8.74
C ARG A 201 -11.40 1.57 -7.35
N ASP A 202 -12.12 0.69 -6.67
CA ASP A 202 -11.61 0.12 -5.42
C ASP A 202 -12.18 -1.30 -5.24
N ILE A 203 -12.08 -2.13 -6.28
CA ILE A 203 -12.54 -3.52 -6.12
C ILE A 203 -11.51 -4.26 -5.30
N LYS A 204 -11.93 -4.74 -4.14
CA LYS A 204 -11.08 -5.47 -3.20
C LYS A 204 -11.99 -6.35 -2.32
N PRO A 205 -11.46 -7.45 -1.80
CA PRO A 205 -12.23 -8.37 -0.95
C PRO A 205 -13.08 -7.71 0.13
N GLN A 206 -12.56 -6.64 0.74
CA GLN A 206 -13.27 -5.96 1.83
C GLN A 206 -14.50 -5.19 1.30
N ASN A 207 -14.55 -5.01 -0.01
CA ASN A 207 -15.70 -4.32 -0.60
C ASN A 207 -16.73 -5.28 -1.20
N LEU A 208 -16.47 -6.58 -1.13
CA LEU A 208 -17.39 -7.56 -1.70
C LEU A 208 -18.22 -8.22 -0.57
N LEU A 209 -19.39 -7.65 -0.29
CA LEU A 209 -20.25 -8.09 0.79
C LEU A 209 -20.88 -9.42 0.43
N LEU A 210 -21.17 -10.26 1.43
CA LEU A 210 -21.41 -11.68 1.22
C LEU A 210 -22.47 -12.19 2.17
N ASP A 211 -23.56 -12.74 1.65
CA ASP A 211 -24.55 -13.34 2.54
C ASP A 211 -24.39 -14.85 2.46
N PRO A 212 -23.86 -15.47 3.52
CA PRO A 212 -23.54 -16.89 3.47
C PRO A 212 -24.77 -17.84 3.43
N ASP A 213 -25.93 -17.43 3.94
CA ASP A 213 -27.12 -18.28 3.77
C ASP A 213 -27.59 -18.34 2.31
N THR A 214 -27.60 -17.18 1.64
CA THR A 214 -28.17 -17.05 0.31
C THR A 214 -27.14 -17.10 -0.80
N ALA A 215 -25.87 -17.05 -0.45
CA ALA A 215 -24.77 -16.97 -1.43
C ALA A 215 -24.83 -15.67 -2.24
N VAL A 216 -25.57 -14.69 -1.74
CA VAL A 216 -25.64 -13.43 -2.46
C VAL A 216 -24.38 -12.63 -2.22
N LEU A 217 -23.77 -12.15 -3.29
CA LEU A 217 -22.65 -11.19 -3.16
C LEU A 217 -23.12 -9.79 -3.58
N LYS A 218 -22.76 -8.80 -2.77
CA LYS A 218 -23.05 -7.39 -3.09
C LYS A 218 -21.79 -6.52 -3.04
N LEU A 219 -21.54 -5.82 -4.13
CA LEU A 219 -20.51 -4.79 -4.21
C LEU A 219 -20.90 -3.57 -3.39
N CYS A 220 -19.91 -2.95 -2.74
CA CYS A 220 -20.15 -1.73 -1.97
C CYS A 220 -18.95 -0.77 -1.98
N ASP A 221 -19.09 0.30 -1.19
CA ASP A 221 -18.09 1.37 -1.09
C ASP A 221 -17.90 2.10 -2.41
N PHE A 222 -18.79 3.03 -2.71
CA PHE A 222 -18.64 3.74 -3.98
C PHE A 222 -18.00 5.08 -3.78
N GLY A 223 -17.22 5.18 -2.70
CA GLY A 223 -16.49 6.38 -2.32
C GLY A 223 -15.53 6.83 -3.39
N SER A 224 -14.81 5.89 -3.97
CA SER A 224 -13.82 6.17 -5.01
C SER A 224 -14.40 6.08 -6.43
N ALA A 225 -15.66 5.65 -6.58
CA ALA A 225 -16.21 5.39 -7.92
C ALA A 225 -16.41 6.65 -8.73
N LYS A 226 -16.41 6.50 -10.05
CA LYS A 226 -16.49 7.65 -10.93
C LYS A 226 -16.93 7.32 -12.36
N GLN A 227 -17.74 8.21 -12.95
CA GLN A 227 -18.12 8.06 -14.36
C GLN A 227 -16.98 8.56 -15.23
N LEU A 228 -16.38 7.64 -15.98
CA LEU A 228 -15.23 7.97 -16.82
C LEU A 228 -15.65 8.53 -18.17
N VAL A 229 -15.32 9.80 -18.41
CA VAL A 229 -15.43 10.38 -19.73
C VAL A 229 -14.05 10.27 -20.39
N ARG A 230 -14.03 9.96 -21.68
CA ARG A 230 -12.78 9.72 -22.39
C ARG A 230 -12.23 11.05 -22.85
N GLY A 231 -11.02 11.36 -22.42
CA GLY A 231 -10.39 12.64 -22.71
C GLY A 231 -10.44 13.53 -21.49
N GLU A 232 -11.25 13.09 -20.53
CA GLU A 232 -11.34 13.74 -19.23
C GLU A 232 -10.54 12.87 -18.26
N PRO A 233 -9.40 13.39 -17.79
CA PRO A 233 -8.42 12.62 -17.02
C PRO A 233 -8.88 12.34 -15.59
N ASN A 234 -8.34 11.28 -14.99
CA ASN A 234 -8.67 10.93 -13.59
C ASN A 234 -7.41 10.60 -12.78
N VAL A 235 -7.52 10.68 -11.46
CA VAL A 235 -6.38 10.45 -10.59
C VAL A 235 -5.83 9.03 -10.73
N SER A 236 -4.52 8.86 -10.76
CA SER A 236 -3.90 7.54 -10.82
C SER A 236 -4.04 6.79 -9.50
N TYR A 237 -3.97 7.54 -8.41
CA TYR A 237 -3.78 6.96 -7.07
C TYR A 237 -4.99 6.31 -6.42
N ILE A 238 -5.98 5.89 -7.21
CA ILE A 238 -7.07 5.09 -6.66
C ILE A 238 -6.67 3.61 -6.65
N CYS A 239 -7.52 2.80 -6.02
CA CYS A 239 -7.34 1.35 -5.87
C CYS A 239 -6.33 0.97 -4.77
N SER A 240 -6.62 -0.11 -4.08
CA SER A 240 -5.86 -0.58 -2.94
C SER A 240 -4.76 -1.51 -3.39
N ARG A 241 -3.71 -1.63 -2.57
CA ARG A 241 -2.57 -2.49 -2.88
C ARG A 241 -3.00 -3.94 -3.08
N TYR A 242 -2.32 -4.61 -4.02
CA TYR A 242 -2.54 -6.00 -4.48
C TYR A 242 -3.42 -6.02 -5.73
N TYR A 243 -4.26 -5.00 -5.85
CA TYR A 243 -5.36 -5.01 -6.80
C TYR A 243 -5.26 -3.88 -7.83
N ARG A 244 -4.24 -3.04 -7.70
CA ARG A 244 -4.04 -1.96 -8.65
C ARG A 244 -3.59 -2.55 -9.98
N ALA A 245 -4.18 -2.07 -11.06
CA ALA A 245 -3.76 -2.45 -12.40
C ALA A 245 -2.38 -1.86 -12.68
N PRO A 246 -1.57 -2.56 -13.49
CA PRO A 246 -0.24 -2.04 -13.83
C PRO A 246 -0.28 -0.61 -14.37
N GLU A 247 -1.29 -0.27 -15.17
CA GLU A 247 -1.39 1.10 -15.69
C GLU A 247 -1.58 2.09 -14.52
N LEU A 248 -2.27 1.67 -13.47
CA LEU A 248 -2.36 2.52 -12.26
C LEU A 248 -1.00 2.65 -11.56
N ILE A 249 -0.35 1.52 -11.37
CA ILE A 249 0.95 1.52 -10.69
C ILE A 249 1.90 2.45 -11.44
N PHE A 250 1.82 2.44 -12.76
CA PHE A 250 2.60 3.34 -13.60
C PHE A 250 2.04 4.74 -13.58
N GLY A 251 1.11 5.03 -12.68
CA GLY A 251 0.56 6.37 -12.59
C GLY A 251 -0.20 6.88 -13.80
N ALA A 252 -0.70 5.98 -14.65
CA ALA A 252 -1.46 6.38 -15.83
C ALA A 252 -2.69 7.21 -15.46
N THR A 253 -2.88 8.35 -16.12
CA THR A 253 -4.01 9.22 -15.81
C THR A 253 -5.26 8.91 -16.69
N ASP A 254 -5.10 7.99 -17.64
CA ASP A 254 -6.13 7.75 -18.65
C ASP A 254 -6.53 6.28 -18.76
N TYR A 255 -6.51 5.57 -17.63
CA TYR A 255 -6.99 4.21 -17.58
C TYR A 255 -8.44 4.10 -17.99
N THR A 256 -8.88 2.90 -18.33
CA THR A 256 -10.30 2.72 -18.60
C THR A 256 -10.90 1.90 -17.50
N SER A 257 -12.20 1.64 -17.61
CA SER A 257 -12.93 0.81 -16.64
C SER A 257 -12.35 -0.58 -16.52
N SER A 258 -11.44 -0.97 -17.43
CA SER A 258 -10.85 -2.28 -17.28
C SER A 258 -9.95 -2.41 -16.06
N ILE A 259 -9.68 -1.33 -15.32
CA ILE A 259 -8.90 -1.49 -14.09
C ILE A 259 -9.70 -2.31 -13.08
N ASP A 260 -11.02 -2.16 -13.13
CA ASP A 260 -11.96 -2.92 -12.30
C ASP A 260 -11.94 -4.44 -12.59
N VAL A 261 -11.74 -4.81 -13.86
CA VAL A 261 -11.74 -6.23 -14.19
C VAL A 261 -10.36 -6.80 -13.92
N TRP A 262 -9.31 -5.98 -14.04
CA TRP A 262 -8.00 -6.40 -13.55
C TRP A 262 -8.11 -6.77 -12.08
N SER A 263 -8.61 -5.81 -11.29
CA SER A 263 -8.76 -6.02 -9.85
C SER A 263 -9.56 -7.27 -9.58
N ALA A 264 -10.65 -7.44 -10.33
CA ALA A 264 -11.55 -8.58 -10.16
C ALA A 264 -10.78 -9.88 -10.35
N GLY A 265 -9.99 -9.94 -11.42
CA GLY A 265 -9.12 -11.09 -11.67
C GLY A 265 -8.12 -11.35 -10.55
N CYS A 266 -7.70 -10.30 -9.85
CA CYS A 266 -6.85 -10.45 -8.68
C CYS A 266 -7.64 -11.13 -7.59
N VAL A 267 -8.92 -10.78 -7.47
CA VAL A 267 -9.74 -11.44 -6.46
C VAL A 267 -9.95 -12.91 -6.82
N LEU A 268 -10.12 -13.23 -8.10
CA LEU A 268 -10.30 -14.63 -8.48
C LEU A 268 -9.04 -15.41 -8.11
N ALA A 269 -7.88 -14.95 -8.57
CA ALA A 269 -6.62 -15.64 -8.27
C ALA A 269 -6.43 -15.86 -6.77
N GLU A 270 -6.79 -14.85 -5.99
CA GLU A 270 -6.61 -14.95 -4.55
C GLU A 270 -7.50 -16.04 -3.98
N LEU A 271 -8.77 -16.05 -4.38
CA LEU A 271 -9.70 -17.07 -3.88
C LEU A 271 -9.24 -18.48 -4.28
N LEU A 272 -8.59 -18.61 -5.43
CA LEU A 272 -7.96 -19.88 -5.83
C LEU A 272 -6.65 -20.19 -5.07
N LEU A 273 -5.80 -19.18 -4.87
CA LEU A 273 -4.47 -19.39 -4.27
C LEU A 273 -4.49 -19.48 -2.75
N GLY A 274 -5.39 -18.75 -2.10
CA GLY A 274 -5.44 -18.66 -0.65
C GLY A 274 -4.56 -17.53 -0.14
N GLN A 275 -4.02 -16.76 -1.08
CA GLN A 275 -3.24 -15.57 -0.77
C GLN A 275 -3.25 -14.69 -2.01
N PRO A 276 -2.94 -13.40 -1.85
CA PRO A 276 -2.94 -12.52 -3.03
C PRO A 276 -1.95 -13.00 -4.08
N ILE A 277 -2.30 -12.86 -5.35
CA ILE A 277 -1.42 -13.34 -6.41
C ILE A 277 -0.30 -12.34 -6.62
N PHE A 278 -0.57 -11.05 -6.36
CA PHE A 278 0.42 -9.99 -6.58
C PHE A 278 0.66 -9.09 -5.34
N PRO A 279 1.28 -9.65 -4.29
CA PRO A 279 1.49 -8.92 -3.03
C PRO A 279 2.67 -7.94 -3.06
N GLY A 280 2.83 -7.15 -1.99
CA GLY A 280 3.87 -6.14 -1.91
C GLY A 280 3.36 -4.82 -1.35
N ASP A 281 4.11 -4.20 -0.44
CA ASP A 281 3.64 -2.93 0.13
C ASP A 281 4.20 -1.73 -0.65
N SER A 282 5.01 -2.00 -1.66
CA SER A 282 5.45 -1.00 -2.64
C SER A 282 4.90 -1.29 -4.06
N GLY A 283 4.77 -0.26 -4.88
CA GLY A 283 4.47 -0.47 -6.28
C GLY A 283 5.51 -1.38 -6.93
N VAL A 284 6.77 -1.14 -6.59
CA VAL A 284 7.88 -1.96 -7.11
C VAL A 284 7.73 -3.45 -6.80
N ASP A 285 7.34 -3.78 -5.57
CA ASP A 285 7.17 -5.16 -5.19
C ASP A 285 6.10 -5.83 -6.07
N GLN A 286 4.92 -5.24 -5.99
CA GLN A 286 3.76 -5.60 -6.81
C GLN A 286 4.09 -5.81 -8.28
N LEU A 287 4.73 -4.82 -8.90
CA LEU A 287 5.17 -4.95 -10.27
C LEU A 287 6.11 -6.15 -10.44
N VAL A 288 7.03 -6.37 -9.50
CA VAL A 288 7.95 -7.51 -9.63
C VAL A 288 7.13 -8.80 -9.60
N GLU A 289 6.18 -8.88 -8.67
CA GLU A 289 5.35 -10.07 -8.53
C GLU A 289 4.47 -10.34 -9.75
N ILE A 290 3.92 -9.28 -10.35
CA ILE A 290 3.19 -9.39 -11.62
C ILE A 290 4.08 -10.05 -12.68
N ILE A 291 5.30 -9.55 -12.83
CA ILE A 291 6.21 -9.97 -13.89
C ILE A 291 6.69 -11.40 -13.71
N LYS A 292 6.76 -11.85 -12.47
CA LYS A 292 7.14 -13.23 -12.21
C LYS A 292 6.05 -14.15 -12.73
N VAL A 293 4.82 -13.62 -12.86
CA VAL A 293 3.71 -14.39 -13.38
C VAL A 293 3.49 -14.09 -14.88
N LEU A 294 3.08 -12.87 -15.22
CA LEU A 294 2.75 -12.49 -16.60
C LEU A 294 3.95 -12.33 -17.52
N GLY A 295 5.16 -12.35 -16.97
CA GLY A 295 6.37 -12.10 -17.74
C GLY A 295 6.69 -10.62 -17.89
N THR A 296 7.91 -10.31 -18.35
CA THR A 296 8.31 -8.93 -18.55
C THR A 296 7.52 -8.37 -19.73
N PRO A 297 6.79 -7.27 -19.50
CA PRO A 297 5.93 -6.67 -20.52
C PRO A 297 6.76 -6.13 -21.69
N THR A 298 6.10 -5.77 -22.78
CA THR A 298 6.83 -5.31 -23.96
C THR A 298 6.75 -3.81 -24.16
N ARG A 299 7.51 -3.29 -25.11
CA ARG A 299 7.44 -1.88 -25.46
C ARG A 299 6.00 -1.56 -25.87
N GLU A 300 5.47 -2.37 -26.79
CA GLU A 300 4.09 -2.22 -27.24
C GLU A 300 3.09 -2.33 -26.08
N GLN A 301 3.45 -3.08 -25.05
CA GLN A 301 2.56 -3.29 -23.92
C GLN A 301 2.70 -2.19 -22.85
N ILE A 302 3.94 -1.74 -22.61
CA ILE A 302 4.16 -0.58 -21.74
C ILE A 302 3.45 0.64 -22.33
N ARG A 303 3.54 0.79 -23.66
CA ARG A 303 2.83 1.88 -24.34
C ARG A 303 1.35 1.93 -23.96
N GLU A 304 0.63 0.82 -24.14
CA GLU A 304 -0.80 0.77 -23.86
C GLU A 304 -1.12 0.83 -22.35
N MET A 305 -0.11 1.05 -21.52
CA MET A 305 -0.35 1.26 -20.09
C MET A 305 -0.04 2.69 -19.71
N ASN A 306 1.16 3.12 -20.09
CA ASN A 306 1.67 4.45 -19.75
C ASN A 306 2.96 4.74 -20.51
N PRO A 307 2.87 5.58 -21.55
CA PRO A 307 4.03 6.10 -22.28
C PRO A 307 5.02 6.85 -21.37
N ASN A 308 6.25 6.98 -21.84
CA ASN A 308 7.35 7.56 -21.06
C ASN A 308 7.82 6.63 -19.93
N TYR A 309 7.06 5.57 -19.67
CA TYR A 309 7.58 4.47 -18.85
C TYR A 309 8.23 3.39 -19.73
N THR A 310 8.24 3.61 -21.04
CA THR A 310 9.04 2.79 -21.92
C THR A 310 10.51 3.10 -21.64
N GLU A 311 11.39 2.17 -22.04
CA GLU A 311 12.84 2.38 -21.91
C GLU A 311 13.29 2.61 -20.45
N PHE A 312 12.56 2.01 -19.51
CA PHE A 312 13.00 1.97 -18.12
C PHE A 312 13.63 0.63 -17.80
N LYS A 313 14.10 0.46 -16.56
CA LYS A 313 14.78 -0.77 -16.16
C LYS A 313 13.78 -1.79 -15.64
N PHE A 314 13.58 -2.87 -16.38
CA PHE A 314 12.68 -3.94 -15.98
C PHE A 314 13.37 -5.30 -15.96
N PRO A 315 13.02 -6.12 -14.96
CA PRO A 315 13.50 -7.51 -14.83
C PRO A 315 13.21 -8.35 -16.06
N GLN A 316 14.24 -8.72 -16.82
CA GLN A 316 14.05 -9.60 -17.97
C GLN A 316 13.64 -11.00 -17.49
N ILE A 317 12.41 -11.09 -17.00
CA ILE A 317 11.88 -12.32 -16.43
C ILE A 317 10.91 -13.00 -17.40
N LYS A 318 11.13 -14.28 -17.66
CA LYS A 318 10.31 -15.03 -18.62
C LYS A 318 8.94 -15.36 -18.05
N ALA A 319 7.94 -15.39 -18.92
CA ALA A 319 6.57 -15.68 -18.51
C ALA A 319 6.47 -17.05 -17.86
N HIS A 320 5.65 -17.14 -16.82
CA HIS A 320 5.41 -18.41 -16.15
C HIS A 320 4.15 -19.10 -16.70
N PRO A 321 4.20 -20.43 -16.88
CA PRO A 321 3.00 -21.17 -17.29
C PRO A 321 1.90 -21.06 -16.24
N TRP A 322 0.76 -20.53 -16.64
CA TRP A 322 -0.33 -20.23 -15.72
C TRP A 322 -0.76 -21.42 -14.87
N THR A 323 -0.78 -22.60 -15.46
CA THR A 323 -1.18 -23.81 -14.74
C THR A 323 -0.23 -24.13 -13.60
N LYS A 324 1.01 -23.66 -13.70
CA LYS A 324 2.01 -23.93 -12.66
C LYS A 324 2.06 -22.83 -11.59
N VAL A 325 1.10 -21.90 -11.63
CA VAL A 325 0.97 -20.88 -10.59
C VAL A 325 -0.16 -21.24 -9.61
N PHE A 326 -0.91 -22.31 -9.92
CA PHE A 326 -2.00 -22.73 -9.03
C PHE A 326 -1.82 -24.16 -8.49
N ARG A 327 -2.61 -24.50 -7.46
CA ARG A 327 -2.68 -25.89 -6.97
C ARG A 327 -3.02 -26.77 -8.16
N PRO A 328 -2.51 -28.00 -8.17
CA PRO A 328 -2.73 -28.87 -9.33
C PRO A 328 -4.19 -29.28 -9.44
N ARG A 329 -4.90 -29.28 -8.32
CA ARG A 329 -6.32 -29.58 -8.32
C ARG A 329 -7.14 -28.53 -9.10
N THR A 330 -6.59 -27.31 -9.20
CA THR A 330 -7.32 -26.16 -9.77
C THR A 330 -7.77 -26.44 -11.20
N PRO A 331 -9.05 -26.07 -11.51
CA PRO A 331 -9.77 -26.14 -12.79
C PRO A 331 -9.09 -25.38 -13.94
N PRO A 332 -8.86 -26.08 -15.07
CA PRO A 332 -8.36 -25.47 -16.31
C PRO A 332 -9.20 -24.25 -16.74
N GLU A 333 -10.52 -24.35 -16.66
CA GLU A 333 -11.38 -23.21 -16.98
C GLU A 333 -11.13 -22.01 -16.03
N ALA A 334 -10.84 -22.30 -14.77
CA ALA A 334 -10.57 -21.22 -13.80
C ALA A 334 -9.27 -20.53 -14.14
N ILE A 335 -8.24 -21.33 -14.44
CA ILE A 335 -6.95 -20.78 -14.84
C ILE A 335 -7.15 -19.97 -16.13
N ALA A 336 -7.94 -20.49 -17.07
CA ALA A 336 -8.14 -19.82 -18.35
C ALA A 336 -8.82 -18.45 -18.21
N LEU A 337 -9.84 -18.37 -17.37
CA LEU A 337 -10.53 -17.11 -17.12
C LEU A 337 -9.58 -16.12 -16.44
N CYS A 338 -8.86 -16.64 -15.45
CA CYS A 338 -7.90 -15.84 -14.74
C CYS A 338 -6.88 -15.27 -15.74
N SER A 339 -6.57 -16.04 -16.78
CA SER A 339 -5.62 -15.62 -17.81
C SER A 339 -6.09 -14.38 -18.53
N ARG A 340 -7.38 -14.39 -18.85
CA ARG A 340 -7.94 -13.41 -19.75
C ARG A 340 -8.35 -12.15 -18.99
N LEU A 341 -8.22 -12.17 -17.67
CA LEU A 341 -8.50 -11.02 -16.84
C LEU A 341 -7.20 -10.25 -16.51
N LEU A 342 -6.20 -10.96 -16.00
CA LEU A 342 -4.92 -10.33 -15.66
C LEU A 342 -4.07 -10.18 -16.91
N GLU A 343 -4.41 -9.16 -17.69
CA GLU A 343 -3.75 -8.93 -18.97
C GLU A 343 -3.10 -7.55 -18.94
N TYR A 344 -1.87 -7.45 -19.43
CA TYR A 344 -1.14 -6.18 -19.44
C TYR A 344 -1.92 -5.11 -20.21
N THR A 345 -2.17 -5.37 -21.49
CA THR A 345 -2.90 -4.43 -22.33
C THR A 345 -4.36 -4.32 -21.90
N PRO A 346 -4.77 -3.14 -21.40
CA PRO A 346 -6.06 -3.01 -20.71
C PRO A 346 -7.26 -3.28 -21.61
N THR A 347 -7.09 -3.20 -22.94
CA THR A 347 -8.19 -3.50 -23.85
C THR A 347 -8.31 -5.01 -24.11
N ALA A 348 -7.21 -5.74 -23.96
CA ALA A 348 -7.23 -7.18 -24.15
C ALA A 348 -7.84 -7.96 -22.97
N ARG A 349 -8.25 -7.24 -21.92
CA ARG A 349 -8.92 -7.89 -20.79
C ARG A 349 -10.38 -8.12 -21.11
N LEU A 350 -10.91 -9.24 -20.62
CA LEU A 350 -12.33 -9.53 -20.71
C LEU A 350 -13.18 -8.37 -20.21
N THR A 351 -14.30 -8.11 -20.89
CA THR A 351 -15.28 -7.21 -20.32
C THR A 351 -16.04 -8.02 -19.29
N PRO A 352 -16.63 -7.35 -18.29
CA PRO A 352 -17.33 -8.07 -17.23
C PRO A 352 -18.43 -9.00 -17.76
N LEU A 353 -19.20 -8.53 -18.73
CA LEU A 353 -20.22 -9.36 -19.34
C LEU A 353 -19.59 -10.59 -19.97
N GLU A 354 -18.56 -10.36 -20.77
CA GLU A 354 -17.85 -11.47 -21.40
C GLU A 354 -17.43 -12.49 -20.36
N ALA A 355 -16.95 -12.02 -19.22
CA ALA A 355 -16.47 -12.89 -18.15
C ALA A 355 -17.62 -13.76 -17.65
N CYS A 356 -18.78 -13.12 -17.42
CA CYS A 356 -19.97 -13.78 -16.93
C CYS A 356 -20.30 -14.98 -17.80
N ALA A 357 -20.07 -14.83 -19.09
CA ALA A 357 -20.39 -15.86 -20.08
C ALA A 357 -19.23 -16.84 -20.28
N HIS A 358 -18.30 -16.87 -19.34
CA HIS A 358 -17.14 -17.74 -19.46
C HIS A 358 -17.44 -19.19 -19.06
N SER A 359 -16.77 -20.13 -19.71
CA SER A 359 -16.91 -21.56 -19.39
C SER A 359 -16.69 -21.87 -17.90
N PHE A 360 -15.83 -21.11 -17.23
CA PHE A 360 -15.65 -21.27 -15.79
C PHE A 360 -16.98 -21.25 -15.03
N PHE A 361 -17.93 -20.45 -15.52
CA PHE A 361 -19.20 -20.27 -14.84
C PHE A 361 -20.31 -21.20 -15.36
N ASP A 362 -19.97 -22.12 -16.24
CA ASP A 362 -20.96 -23.02 -16.80
C ASP A 362 -21.68 -23.87 -15.76
N GLU A 363 -20.99 -24.33 -14.72
CA GLU A 363 -21.65 -25.04 -13.63
C GLU A 363 -22.86 -24.24 -13.13
N LEU A 364 -22.69 -22.93 -12.98
CA LEU A 364 -23.73 -22.08 -12.42
C LEU A 364 -25.04 -22.14 -13.18
N ARG A 365 -24.97 -22.63 -14.41
CA ARG A 365 -26.12 -22.61 -15.31
C ARG A 365 -26.80 -23.99 -15.49
N ASP A 366 -26.24 -25.02 -14.86
CA ASP A 366 -26.85 -26.33 -14.77
C ASP A 366 -28.24 -26.22 -14.16
N PRO A 367 -29.22 -26.91 -14.73
CA PRO A 367 -30.59 -26.87 -14.19
C PRO A 367 -30.68 -27.37 -12.75
N ASN A 368 -29.71 -28.20 -12.35
CA ASN A 368 -29.80 -28.93 -11.09
C ASN A 368 -28.66 -28.56 -10.14
N VAL A 369 -28.14 -27.34 -10.28
CA VAL A 369 -27.13 -26.80 -9.38
C VAL A 369 -27.77 -26.19 -8.14
N LYS A 370 -27.35 -26.67 -6.98
CA LYS A 370 -27.91 -26.20 -5.71
C LYS A 370 -26.77 -25.72 -4.80
N LEU A 371 -27.06 -24.84 -3.85
CA LEU A 371 -26.03 -24.39 -2.90
C LEU A 371 -25.71 -25.51 -1.88
N PRO A 372 -24.45 -25.59 -1.43
CA PRO A 372 -23.98 -26.58 -0.45
C PRO A 372 -24.90 -26.76 0.76
N ASN A 373 -25.65 -25.72 1.14
CA ASN A 373 -26.54 -25.79 2.29
C ASN A 373 -27.95 -26.23 1.92
N GLY A 374 -28.11 -26.74 0.70
CA GLY A 374 -29.38 -27.26 0.25
C GLY A 374 -30.22 -26.27 -0.53
N ARG A 375 -30.13 -24.98 -0.17
CA ARG A 375 -30.99 -23.95 -0.74
C ARG A 375 -30.76 -23.79 -2.24
N ASP A 376 -31.68 -23.11 -2.93
CA ASP A 376 -31.56 -22.89 -4.36
C ASP A 376 -30.60 -21.72 -4.64
N THR A 377 -29.89 -21.78 -5.76
CA THR A 377 -28.94 -20.73 -6.11
C THR A 377 -29.67 -19.39 -6.22
N PRO A 378 -28.97 -18.29 -5.91
CA PRO A 378 -29.64 -16.98 -5.91
C PRO A 378 -29.98 -16.50 -7.32
N ALA A 379 -30.62 -15.35 -7.41
CA ALA A 379 -31.13 -14.87 -8.69
C ALA A 379 -30.03 -14.46 -9.68
N LEU A 380 -29.48 -15.44 -10.39
CA LEU A 380 -28.33 -15.22 -11.28
C LEU A 380 -28.60 -14.80 -12.74
N PHE A 381 -29.86 -14.75 -13.18
CA PHE A 381 -30.14 -14.65 -14.62
C PHE A 381 -31.06 -13.51 -15.03
N ASN A 382 -31.61 -12.83 -14.04
CA ASN A 382 -32.48 -11.69 -14.25
C ASN A 382 -31.75 -10.48 -14.89
N PHE A 383 -31.01 -10.72 -15.97
CA PHE A 383 -30.36 -9.64 -16.70
C PHE A 383 -31.38 -8.71 -17.27
N THR A 384 -31.03 -7.44 -17.33
CA THR A 384 -31.87 -6.45 -17.98
C THR A 384 -31.17 -5.96 -19.24
N THR A 385 -31.95 -5.33 -20.11
CA THR A 385 -31.48 -4.78 -21.36
C THR A 385 -30.17 -4.01 -21.22
N GLN A 386 -30.11 -3.15 -20.23
CA GLN A 386 -28.94 -2.32 -19.99
C GLN A 386 -27.72 -3.10 -19.51
N GLU A 387 -27.96 -4.04 -18.60
CA GLU A 387 -26.91 -4.90 -18.10
C GLU A 387 -26.28 -5.71 -19.24
N LEU A 388 -26.98 -5.84 -20.36
CA LEU A 388 -26.49 -6.65 -21.46
C LEU A 388 -26.12 -5.81 -22.67
N SER A 389 -26.07 -4.49 -22.49
CA SER A 389 -25.84 -3.59 -23.61
C SER A 389 -24.41 -3.61 -24.14
N SER A 390 -23.46 -3.98 -23.29
CA SER A 390 -22.10 -4.28 -23.73
C SER A 390 -22.12 -5.17 -24.98
N ASN A 391 -22.95 -6.21 -24.94
CA ASN A 391 -22.89 -7.30 -25.90
C ASN A 391 -24.18 -8.14 -25.85
N PRO A 392 -25.28 -7.61 -26.41
CA PRO A 392 -26.61 -8.26 -26.30
C PRO A 392 -26.69 -9.72 -26.81
N PRO A 393 -26.01 -10.08 -27.92
CA PRO A 393 -25.90 -11.49 -28.31
C PRO A 393 -25.40 -12.46 -27.25
N LEU A 394 -24.94 -11.98 -26.11
CA LEU A 394 -24.37 -12.91 -25.15
C LEU A 394 -25.50 -13.46 -24.31
N ALA A 395 -26.68 -12.86 -24.46
CA ALA A 395 -27.83 -13.28 -23.67
C ALA A 395 -28.20 -14.74 -23.97
N THR A 396 -27.88 -15.19 -25.18
CA THR A 396 -28.14 -16.56 -25.62
C THR A 396 -27.33 -17.54 -24.78
N ILE A 397 -26.23 -17.05 -24.20
CA ILE A 397 -25.31 -17.87 -23.41
C ILE A 397 -25.43 -17.59 -21.90
N LEU A 398 -25.92 -16.41 -21.53
CA LEU A 398 -26.00 -16.03 -20.12
C LEU A 398 -27.36 -16.37 -19.52
N ILE A 399 -28.42 -16.36 -20.34
CA ILE A 399 -29.75 -16.72 -19.86
C ILE A 399 -30.16 -18.13 -20.33
N PRO A 400 -30.03 -19.12 -19.45
CA PRO A 400 -30.39 -20.51 -19.78
C PRO A 400 -31.90 -20.84 -19.64
N PRO A 401 -32.38 -21.85 -20.39
CA PRO A 401 -33.73 -22.44 -20.46
C PRO A 401 -34.64 -22.26 -19.25
N HIS A 402 -34.13 -22.45 -18.03
CA HIS A 402 -34.82 -22.02 -16.80
C HIS A 402 -34.35 -20.61 -16.32
N SER B 56 22.76 -28.91 11.47
CA SER B 56 23.05 -27.96 10.39
C SER B 56 24.44 -28.19 9.80
N LYS B 57 24.48 -28.26 8.47
CA LYS B 57 25.75 -28.35 7.76
C LYS B 57 26.48 -27.02 7.84
N VAL B 58 27.76 -27.02 7.51
CA VAL B 58 28.50 -25.77 7.34
C VAL B 58 28.63 -25.51 5.84
N THR B 59 28.23 -24.32 5.40
CA THR B 59 28.49 -23.91 4.03
C THR B 59 29.79 -23.09 4.04
N THR B 60 30.73 -23.45 3.17
CA THR B 60 31.98 -22.72 3.07
C THR B 60 32.11 -22.05 1.70
N VAL B 61 32.07 -20.72 1.67
CA VAL B 61 32.16 -19.97 0.43
C VAL B 61 33.36 -19.01 0.41
N VAL B 62 33.93 -18.78 -0.78
CA VAL B 62 34.95 -17.75 -0.95
C VAL B 62 34.28 -16.45 -1.39
N ALA B 63 33.92 -15.62 -0.40
CA ALA B 63 33.21 -14.36 -0.65
C ALA B 63 34.12 -13.13 -0.69
N THR B 64 33.74 -12.15 -1.49
CA THR B 64 34.41 -10.86 -1.55
C THR B 64 33.87 -9.92 -0.48
N PRO B 65 34.76 -9.26 0.29
CA PRO B 65 34.32 -8.27 1.30
C PRO B 65 33.74 -7.01 0.67
N GLY B 66 32.82 -6.35 1.38
CA GLY B 66 32.13 -5.18 0.85
C GLY B 66 33.01 -3.96 0.70
N GLN B 67 33.45 -3.42 1.83
CA GLN B 67 34.37 -2.29 1.80
C GLN B 67 35.78 -2.80 1.60
N GLY B 68 36.59 -2.05 0.86
CA GLY B 68 37.98 -2.40 0.66
C GLY B 68 38.30 -2.94 -0.71
N PRO B 69 39.59 -3.22 -0.95
CA PRO B 69 40.04 -3.80 -2.22
C PRO B 69 39.49 -5.20 -2.40
N ASP B 70 39.31 -5.63 -3.64
CA ASP B 70 38.73 -6.92 -3.92
C ASP B 70 39.69 -8.05 -3.54
N ARG B 71 39.74 -8.34 -2.24
CA ARG B 71 40.57 -9.42 -1.69
C ARG B 71 39.64 -10.38 -0.93
N PRO B 72 39.21 -11.46 -1.59
CA PRO B 72 38.21 -12.36 -1.00
C PRO B 72 38.77 -13.36 0.02
N GLN B 73 37.92 -13.72 0.99
CA GLN B 73 38.31 -14.64 2.05
C GLN B 73 37.44 -15.89 2.00
N GLU B 74 37.98 -17.03 2.41
CA GLU B 74 37.15 -18.19 2.76
C GLU B 74 36.32 -17.83 3.98
N VAL B 75 35.00 -17.80 3.82
CA VAL B 75 34.10 -17.60 4.94
C VAL B 75 33.19 -18.82 5.03
N SER B 76 32.87 -19.25 6.25
CA SER B 76 32.08 -20.47 6.46
C SER B 76 31.03 -20.21 7.54
N TYR B 77 29.85 -20.83 7.41
CA TYR B 77 28.74 -20.53 8.32
C TYR B 77 27.73 -21.65 8.48
N THR B 78 27.19 -21.78 9.69
CA THR B 78 26.18 -22.79 9.99
C THR B 78 24.89 -22.12 10.45
N ASP B 79 23.96 -22.94 10.94
CA ASP B 79 22.73 -22.48 11.56
C ASP B 79 21.84 -21.64 10.64
N THR B 80 22.07 -21.74 9.33
CA THR B 80 21.38 -20.89 8.35
C THR B 80 19.86 -21.09 8.42
N LYS B 81 19.13 -20.00 8.64
CA LYS B 81 17.67 -20.07 8.87
C LYS B 81 16.92 -18.82 8.37
N VAL B 82 15.71 -19.00 7.85
CA VAL B 82 14.99 -17.93 7.14
C VAL B 82 14.57 -16.78 8.05
N ILE B 83 15.05 -15.58 7.72
CA ILE B 83 14.70 -14.38 8.47
C ILE B 83 13.59 -13.61 7.76
N GLY B 84 13.52 -13.76 6.43
CA GLY B 84 12.48 -13.08 5.67
C GLY B 84 12.38 -13.39 4.18
N ASN B 85 11.18 -13.21 3.64
CA ASN B 85 10.92 -13.47 2.22
C ASN B 85 10.16 -12.29 1.62
N GLY B 86 10.61 -11.82 0.46
CA GLY B 86 9.91 -10.77 -0.25
C GLY B 86 10.24 -10.80 -1.74
N SER B 87 9.65 -9.88 -2.50
CA SER B 87 9.88 -9.75 -3.94
C SER B 87 11.33 -10.03 -4.36
N PHE B 88 12.27 -9.56 -3.54
CA PHE B 88 13.71 -9.67 -3.78
C PHE B 88 14.18 -11.12 -3.90
N GLY B 89 13.73 -11.95 -2.96
CA GLY B 89 14.29 -13.28 -2.76
C GLY B 89 14.14 -13.63 -1.31
N VAL B 90 15.04 -14.44 -0.77
CA VAL B 90 15.00 -14.79 0.64
C VAL B 90 16.07 -14.02 1.40
N VAL B 91 15.82 -13.78 2.70
CA VAL B 91 16.83 -13.28 3.62
C VAL B 91 17.04 -14.28 4.76
N TYR B 92 18.25 -14.83 4.84
CA TYR B 92 18.61 -15.81 5.87
C TYR B 92 19.47 -15.21 6.98
N GLN B 93 19.41 -15.83 8.15
CA GLN B 93 20.35 -15.56 9.22
C GLN B 93 21.28 -16.75 9.36
N ALA B 94 22.57 -16.50 9.48
CA ALA B 94 23.52 -17.59 9.67
C ALA B 94 24.52 -17.20 10.74
N LYS B 95 25.20 -18.19 11.30
CA LYS B 95 26.28 -17.95 12.26
C LYS B 95 27.62 -18.21 11.60
N LEU B 96 28.46 -17.18 11.55
CA LEU B 96 29.81 -17.27 11.00
C LEU B 96 30.73 -18.10 11.93
N CYS B 97 31.37 -19.15 11.40
CA CYS B 97 32.14 -20.09 12.23
C CYS B 97 33.38 -19.45 12.86
N ASP B 98 34.04 -18.56 12.11
CA ASP B 98 35.19 -17.83 12.63
C ASP B 98 34.81 -17.10 13.92
N SER B 99 34.09 -16.00 13.78
CA SER B 99 33.78 -15.13 14.90
C SER B 99 32.69 -15.66 15.84
N GLY B 100 31.84 -16.54 15.35
CA GLY B 100 30.60 -16.80 16.04
C GLY B 100 29.56 -15.72 15.72
N GLU B 101 30.01 -14.59 15.16
CA GLU B 101 29.13 -13.45 14.84
C GLU B 101 27.88 -13.89 14.07
N LEU B 102 26.79 -13.17 14.28
CA LEU B 102 25.54 -13.47 13.59
C LEU B 102 25.45 -12.61 12.32
N VAL B 103 25.06 -13.23 11.22
CA VAL B 103 25.03 -12.53 9.95
C VAL B 103 23.67 -12.65 9.24
N ALA B 104 23.33 -11.70 8.36
CA ALA B 104 22.13 -11.80 7.52
C ALA B 104 22.50 -11.95 6.04
N ILE B 105 22.13 -13.07 5.43
CA ILE B 105 22.46 -13.31 4.02
C ILE B 105 21.25 -13.06 3.15
N LYS B 106 21.42 -12.25 2.10
CA LYS B 106 20.29 -11.86 1.28
C LYS B 106 20.48 -12.31 -0.16
N LYS B 107 19.65 -13.27 -0.59
CA LYS B 107 19.81 -13.92 -1.90
C LYS B 107 18.90 -13.30 -2.96
N VAL B 108 19.46 -12.99 -4.12
CA VAL B 108 18.72 -12.33 -5.19
C VAL B 108 19.19 -12.87 -6.55
N LEU B 109 18.28 -13.01 -7.51
CA LEU B 109 18.67 -13.47 -8.83
C LEU B 109 19.48 -12.36 -9.48
N GLN B 110 20.65 -12.71 -10.01
CA GLN B 110 21.47 -11.70 -10.66
C GLN B 110 21.09 -11.56 -12.13
N ASP B 111 20.73 -10.33 -12.52
CA ASP B 111 20.34 -10.03 -13.88
C ASP B 111 21.49 -10.27 -14.84
N LYS B 112 21.20 -11.00 -15.92
CA LYS B 112 22.22 -11.34 -16.89
C LYS B 112 22.78 -10.10 -17.58
N ARG B 113 21.95 -9.07 -17.69
CA ARG B 113 22.29 -7.89 -18.49
C ARG B 113 23.30 -6.97 -17.82
N PHE B 114 23.14 -6.72 -16.52
CA PHE B 114 23.93 -5.66 -15.90
C PHE B 114 24.41 -5.98 -14.48
N LYS B 115 25.46 -5.27 -14.07
CA LYS B 115 25.95 -5.32 -12.70
C LYS B 115 24.87 -4.84 -11.74
N ASN B 116 24.70 -5.55 -10.63
CA ASN B 116 23.66 -5.23 -9.67
C ASN B 116 23.75 -3.81 -9.11
N ARG B 117 22.64 -3.09 -9.13
CA ARG B 117 22.60 -1.69 -8.65
C ARG B 117 22.78 -1.61 -7.14
N GLU B 118 22.08 -2.46 -6.39
CA GLU B 118 22.18 -2.48 -4.93
C GLU B 118 23.62 -2.67 -4.47
N LEU B 119 24.28 -3.72 -4.98
CA LEU B 119 25.69 -3.98 -4.69
C LEU B 119 26.57 -2.77 -5.02
N GLN B 120 26.41 -2.20 -6.21
CA GLN B 120 27.20 -1.03 -6.57
C GLN B 120 27.00 0.10 -5.56
N ILE B 121 25.77 0.32 -5.11
CA ILE B 121 25.52 1.37 -4.12
C ILE B 121 26.09 0.97 -2.73
N MET B 122 25.96 -0.29 -2.33
CA MET B 122 26.43 -0.76 -1.02
C MET B 122 27.96 -0.78 -0.86
N ARG B 123 28.65 -1.10 -1.95
CA ARG B 123 30.10 -1.17 -1.99
C ARG B 123 30.73 0.22 -1.81
N LYS B 124 29.92 1.26 -1.98
CA LYS B 124 30.40 2.64 -1.91
C LYS B 124 29.98 3.33 -0.61
N LEU B 125 29.32 2.60 0.27
CA LEU B 125 28.75 3.17 1.50
C LEU B 125 29.49 2.64 2.73
N ASP B 126 29.76 3.53 3.68
CA ASP B 126 30.52 3.17 4.87
C ASP B 126 30.23 4.13 6.00
N HIS B 127 29.27 3.78 6.85
CA HIS B 127 28.77 4.69 7.86
C HIS B 127 28.19 3.90 9.04
N CYS B 128 28.23 4.45 10.24
CA CYS B 128 27.84 3.67 11.41
C CYS B 128 26.32 3.53 11.54
N ASN B 129 25.59 4.11 10.61
CA ASN B 129 24.12 4.07 10.64
C ASN B 129 23.51 3.50 9.37
N ILE B 130 24.37 2.95 8.53
CA ILE B 130 23.98 2.17 7.39
C ILE B 130 24.47 0.75 7.61
N VAL B 131 23.62 -0.25 7.34
CA VAL B 131 23.96 -1.64 7.60
C VAL B 131 25.22 -2.01 6.82
N ARG B 132 26.09 -2.82 7.44
CA ARG B 132 27.40 -3.14 6.85
C ARG B 132 27.32 -4.36 5.93
N LEU B 133 27.76 -4.16 4.69
CA LEU B 133 28.00 -5.24 3.76
C LEU B 133 29.32 -5.91 4.15
N ARG B 134 29.23 -6.98 4.95
CA ARG B 134 30.42 -7.73 5.34
C ARG B 134 31.06 -8.37 4.12
N TYR B 135 30.31 -9.21 3.43
CA TYR B 135 30.78 -9.87 2.23
C TYR B 135 29.67 -9.92 1.19
N PHE B 136 30.02 -10.25 -0.05
CA PHE B 136 29.04 -10.65 -1.04
C PHE B 136 29.67 -11.77 -1.85
N PHE B 137 28.83 -12.62 -2.43
CA PHE B 137 29.32 -13.71 -3.27
C PHE B 137 28.20 -14.23 -4.16
N TYR B 138 28.55 -15.07 -5.13
CA TYR B 138 27.57 -15.59 -6.08
C TYR B 138 27.29 -17.08 -5.89
N SER B 139 26.03 -17.46 -6.03
CA SER B 139 25.61 -18.83 -5.77
C SER B 139 24.88 -19.43 -6.97
N SER B 140 24.53 -20.71 -6.86
CA SER B 140 23.88 -21.45 -7.93
C SER B 140 22.43 -21.74 -7.55
N ASP B 145 20.07 -23.96 -14.33
CA ASP B 145 19.42 -22.78 -13.77
C ASP B 145 20.36 -21.56 -13.82
N GLU B 146 19.95 -20.48 -13.17
CA GLU B 146 20.66 -19.19 -13.26
C GLU B 146 21.61 -18.93 -12.06
N VAL B 147 21.99 -17.67 -11.86
CA VAL B 147 22.98 -17.27 -10.84
C VAL B 147 22.45 -16.24 -9.82
N TYR B 148 22.87 -16.36 -8.56
CA TYR B 148 22.33 -15.51 -7.51
C TYR B 148 23.38 -14.77 -6.66
N LEU B 149 23.17 -13.47 -6.47
CA LEU B 149 23.99 -12.64 -5.59
C LEU B 149 23.60 -12.79 -4.12
N ASN B 150 24.58 -13.01 -3.26
CA ASN B 150 24.34 -13.07 -1.83
C ASN B 150 24.95 -11.86 -1.12
N LEU B 151 24.13 -11.02 -0.50
CA LEU B 151 24.64 -9.88 0.27
C LEU B 151 24.77 -10.24 1.75
N VAL B 152 25.95 -10.67 2.14
CA VAL B 152 26.22 -10.97 3.55
C VAL B 152 26.31 -9.71 4.41
N LEU B 153 25.24 -9.43 5.14
CA LEU B 153 25.16 -8.24 5.97
C LEU B 153 25.30 -8.65 7.43
N ASP B 154 25.78 -7.73 8.27
CA ASP B 154 25.86 -7.99 9.70
C ASP B 154 24.45 -8.02 10.29
N TYR B 155 24.22 -8.94 11.23
CA TYR B 155 22.88 -9.11 11.78
C TYR B 155 22.61 -8.16 12.94
N VAL B 156 21.66 -7.27 12.72
CA VAL B 156 21.11 -6.41 13.78
C VAL B 156 19.84 -7.05 14.35
N PRO B 157 19.73 -7.18 15.68
CA PRO B 157 18.67 -8.02 16.26
C PRO B 157 17.25 -7.44 16.25
N GLU B 158 17.08 -6.13 16.09
CA GLU B 158 15.75 -5.55 16.12
C GLU B 158 15.44 -4.63 14.95
N THR B 159 14.18 -4.21 14.83
CA THR B 159 13.84 -3.16 13.87
C THR B 159 12.88 -2.18 14.51
N VAL B 160 12.84 -0.97 13.99
CA VAL B 160 11.90 0.02 14.53
C VAL B 160 10.48 -0.52 14.41
N TYR B 161 10.18 -1.17 13.29
CA TYR B 161 8.89 -1.84 13.12
C TYR B 161 8.49 -2.69 14.33
N ARG B 162 9.34 -3.63 14.71
CA ARG B 162 9.02 -4.52 15.82
C ARG B 162 9.01 -3.86 17.19
N VAL B 163 9.97 -2.95 17.45
CA VAL B 163 10.02 -2.27 18.75
C VAL B 163 8.77 -1.41 18.94
N ALA B 164 8.40 -0.68 17.88
CA ALA B 164 7.21 0.18 17.93
C ALA B 164 5.95 -0.63 18.19
N ARG B 165 5.90 -1.85 17.64
CA ARG B 165 4.71 -2.68 17.78
C ARG B 165 4.61 -3.15 19.20
N HIS B 166 5.75 -3.49 19.81
CA HIS B 166 5.77 -3.89 21.20
C HIS B 166 5.10 -2.83 22.05
N TYR B 167 5.56 -1.60 21.92
CA TYR B 167 4.97 -0.50 22.68
C TYR B 167 3.48 -0.35 22.39
N SER B 168 3.10 -0.31 21.12
CA SER B 168 1.69 -0.19 20.75
C SER B 168 0.90 -1.36 21.33
N ARG B 169 1.44 -2.56 21.19
CA ARG B 169 0.78 -3.75 21.74
C ARG B 169 0.63 -3.65 23.26
N ALA B 170 1.60 -3.03 23.93
CA ALA B 170 1.53 -2.89 25.38
C ALA B 170 0.80 -1.61 25.78
N LYS B 171 0.39 -0.83 24.77
CA LYS B 171 -0.31 0.43 24.95
C LYS B 171 0.57 1.50 25.61
N GLN B 172 1.88 1.35 25.42
CA GLN B 172 2.85 2.35 25.85
C GLN B 172 3.37 3.10 24.62
N THR B 173 4.11 4.18 24.83
CA THR B 173 4.78 4.84 23.73
C THR B 173 6.28 4.70 23.90
N LEU B 174 7.01 4.78 22.80
CA LEU B 174 8.46 4.76 22.91
C LEU B 174 8.83 6.06 23.61
N PRO B 175 9.64 5.98 24.68
CA PRO B 175 10.19 7.14 25.38
C PRO B 175 10.82 8.14 24.42
N VAL B 176 10.58 9.44 24.65
CA VAL B 176 11.05 10.47 23.72
C VAL B 176 12.56 10.39 23.48
N ILE B 177 13.31 9.90 24.47
CA ILE B 177 14.77 9.84 24.35
C ILE B 177 15.15 8.90 23.20
N TYR B 178 14.54 7.72 23.17
CA TYR B 178 14.73 6.80 22.05
C TYR B 178 14.21 7.38 20.72
N VAL B 179 13.09 8.10 20.78
CA VAL B 179 12.59 8.72 19.57
C VAL B 179 13.66 9.72 19.11
N LYS B 180 14.20 10.52 20.03
CA LYS B 180 15.28 11.46 19.70
C LYS B 180 16.51 10.70 19.15
N LEU B 181 17.02 9.75 19.93
CA LEU B 181 18.15 8.92 19.52
C LEU B 181 17.98 8.26 18.14
N TYR B 182 16.89 7.54 17.92
CA TYR B 182 16.70 6.81 16.65
C TYR B 182 16.46 7.75 15.47
N MET B 183 15.65 8.79 15.67
CA MET B 183 15.37 9.72 14.59
C MET B 183 16.61 10.46 14.14
N TYR B 184 17.46 10.81 15.09
CA TYR B 184 18.71 11.49 14.79
C TYR B 184 19.60 10.62 13.93
N GLN B 185 19.69 9.36 14.29
CA GLN B 185 20.58 8.46 13.57
C GLN B 185 20.07 8.23 12.16
N LEU B 186 18.75 8.15 12.02
CA LEU B 186 18.14 8.02 10.69
C LEU B 186 18.48 9.23 9.85
N PHE B 187 18.49 10.42 10.45
CA PHE B 187 18.77 11.61 9.64
C PHE B 187 20.22 11.71 9.24
N ARG B 188 21.11 11.11 10.03
CA ARG B 188 22.53 11.14 9.71
C ARG B 188 22.79 10.32 8.46
N SER B 189 22.26 9.10 8.46
CA SER B 189 22.39 8.21 7.30
C SER B 189 21.75 8.83 6.07
N LEU B 190 20.61 9.47 6.24
CA LEU B 190 19.98 10.14 5.10
C LEU B 190 20.88 11.25 4.57
N ALA B 191 21.40 12.07 5.50
CA ALA B 191 22.33 13.15 5.15
C ALA B 191 23.61 12.63 4.50
N TYR B 192 24.08 11.50 5.01
CA TYR B 192 25.22 10.81 4.41
C TYR B 192 25.00 10.27 3.01
N ILE B 193 23.89 9.54 2.79
CA ILE B 193 23.69 8.95 1.47
C ILE B 193 23.24 10.02 0.49
N HIS B 194 22.53 11.04 0.98
CA HIS B 194 22.11 12.11 0.07
C HIS B 194 23.30 12.80 -0.50
N SER B 195 24.25 13.09 0.38
CA SER B 195 25.59 13.59 0.03
C SER B 195 26.22 12.96 -1.25
N PHE B 196 25.92 11.68 -1.53
CA PHE B 196 26.41 11.05 -2.76
C PHE B 196 25.42 11.21 -3.90
N GLY B 197 24.27 11.79 -3.60
CA GLY B 197 23.19 11.89 -4.57
C GLY B 197 22.22 10.74 -4.41
N ILE B 198 22.62 9.73 -3.64
CA ILE B 198 21.84 8.51 -3.45
C ILE B 198 20.55 8.80 -2.66
N CYS B 199 19.42 8.40 -3.22
CA CYS B 199 18.14 8.45 -2.51
C CYS B 199 17.64 7.04 -2.22
N HIS B 200 17.26 6.80 -0.98
CA HIS B 200 16.88 5.45 -0.52
C HIS B 200 15.58 4.95 -1.15
N ARG B 201 14.58 5.84 -1.24
CA ARG B 201 13.29 5.60 -1.90
C ARG B 201 12.44 4.50 -1.28
N ASP B 202 12.79 4.06 -0.07
CA ASP B 202 11.96 3.09 0.64
C ASP B 202 12.17 3.18 2.18
N ILE B 203 12.04 4.38 2.76
CA ILE B 203 12.29 4.49 4.18
C ILE B 203 11.03 4.14 4.94
N LYS B 204 11.10 3.05 5.69
CA LYS B 204 10.01 2.57 6.55
C LYS B 204 10.58 1.96 7.84
N PRO B 205 9.75 1.81 8.88
CA PRO B 205 10.18 1.17 10.11
C PRO B 205 10.80 -0.22 9.96
N GLN B 206 10.58 -0.89 8.85
CA GLN B 206 11.09 -2.25 8.71
C GLN B 206 12.50 -2.18 8.21
N ASN B 207 12.82 -1.10 7.52
CA ASN B 207 14.17 -0.90 7.01
C ASN B 207 15.10 -0.18 7.98
N LEU B 208 14.67 -0.05 9.23
CA LEU B 208 15.44 0.63 10.25
C LEU B 208 15.81 -0.38 11.33
N LEU B 209 16.97 -0.99 11.18
CA LEU B 209 17.45 -1.98 12.14
C LEU B 209 17.84 -1.28 13.46
N LEU B 210 17.73 -2.01 14.58
CA LEU B 210 18.15 -1.46 15.86
C LEU B 210 18.95 -2.49 16.64
N ASP B 211 20.04 -2.05 17.28
CA ASP B 211 20.58 -2.81 18.42
C ASP B 211 20.04 -2.15 19.66
N PRO B 212 19.16 -2.83 20.40
CA PRO B 212 18.45 -2.12 21.45
C PRO B 212 19.33 -1.86 22.68
N ASP B 213 20.39 -2.64 22.83
CA ASP B 213 21.34 -2.40 23.93
C ASP B 213 22.15 -1.11 23.72
N THR B 214 22.64 -0.90 22.51
CA THR B 214 23.49 0.23 22.23
C THR B 214 22.73 1.40 21.60
N ALA B 215 21.43 1.21 21.39
CA ALA B 215 20.55 2.18 20.71
C ALA B 215 21.11 2.73 19.40
N VAL B 216 21.88 1.92 18.69
CA VAL B 216 22.34 2.29 17.37
C VAL B 216 21.29 1.85 16.34
N LEU B 217 20.94 2.75 15.43
CA LEU B 217 20.02 2.45 14.34
C LEU B 217 20.80 2.32 13.03
N LYS B 218 20.51 1.30 12.24
CA LYS B 218 21.11 1.22 10.91
C LYS B 218 20.05 1.12 9.79
N LEU B 219 20.22 1.93 8.74
CA LEU B 219 19.40 1.87 7.55
C LEU B 219 19.78 0.70 6.64
N CYS B 220 18.81 -0.18 6.31
CA CYS B 220 19.06 -1.25 5.33
C CYS B 220 18.09 -1.25 4.15
N ASP B 221 18.14 -2.35 3.41
CA ASP B 221 17.43 -2.55 2.13
C ASP B 221 17.63 -1.42 1.15
N PHE B 222 18.76 -1.44 0.45
CA PHE B 222 19.02 -0.44 -0.59
C PHE B 222 18.59 -1.00 -1.94
N GLY B 223 17.61 -1.89 -1.89
CA GLY B 223 17.05 -2.47 -3.09
C GLY B 223 16.37 -1.47 -4.00
N SER B 224 15.83 -0.40 -3.41
CA SER B 224 15.08 0.60 -4.16
C SER B 224 15.91 1.84 -4.46
N ALA B 225 17.16 1.83 -3.99
CA ALA B 225 17.95 3.06 -3.98
C ALA B 225 18.53 3.37 -5.34
N LYS B 226 18.49 4.65 -5.71
CA LYS B 226 19.03 5.10 -6.99
C LYS B 226 19.82 6.40 -6.79
N GLN B 227 20.85 6.61 -7.61
CA GLN B 227 21.48 7.93 -7.65
C GLN B 227 20.63 8.84 -8.54
N LEU B 228 20.09 9.90 -7.95
CA LEU B 228 19.18 10.78 -8.65
C LEU B 228 19.86 11.90 -9.47
N VAL B 229 19.94 11.71 -10.78
CA VAL B 229 20.39 12.76 -11.67
C VAL B 229 19.20 13.61 -12.10
N ARG B 230 19.33 14.93 -11.97
CA ARG B 230 18.29 15.89 -12.34
C ARG B 230 18.13 15.90 -13.85
N GLY B 231 16.88 15.86 -14.32
CA GLY B 231 16.61 15.79 -15.74
C GLY B 231 16.49 14.36 -16.23
N GLU B 232 16.83 13.41 -15.38
CA GLU B 232 16.61 12.01 -15.69
C GLU B 232 15.41 11.53 -14.89
N PRO B 233 14.46 10.87 -15.55
CA PRO B 233 13.24 10.47 -14.86
C PRO B 233 13.47 9.27 -13.97
N ASN B 234 12.62 9.09 -12.96
CA ASN B 234 12.63 7.89 -12.14
C ASN B 234 11.20 7.40 -11.92
N VAL B 235 11.04 6.09 -11.73
CA VAL B 235 9.72 5.48 -11.59
C VAL B 235 9.00 6.08 -10.39
N SER B 236 7.71 6.39 -10.52
CA SER B 236 6.98 7.00 -9.41
C SER B 236 6.63 5.99 -8.34
N TYR B 237 6.64 4.71 -8.68
CA TYR B 237 6.00 3.73 -7.80
C TYR B 237 6.94 3.09 -6.78
N ILE B 238 8.03 3.77 -6.44
CA ILE B 238 8.83 3.32 -5.30
C ILE B 238 8.14 3.77 -4.02
N CYS B 239 8.67 3.32 -2.89
CA CYS B 239 8.24 3.75 -1.56
C CYS B 239 6.98 2.96 -1.16
N SER B 240 6.78 2.79 0.14
CA SER B 240 5.79 1.84 0.64
C SER B 240 4.61 2.49 1.33
N ARG B 241 3.49 1.75 1.38
CA ARG B 241 2.25 2.18 2.02
C ARG B 241 2.51 2.82 3.39
N TYR B 242 2.04 4.08 3.53
CA TYR B 242 2.11 4.94 4.73
C TYR B 242 3.24 5.98 4.63
N TYR B 243 4.24 5.72 3.81
CA TYR B 243 5.44 6.55 3.86
C TYR B 243 5.68 7.21 2.52
N ARG B 244 4.76 7.02 1.58
CA ARG B 244 4.91 7.62 0.25
C ARG B 244 4.70 9.12 0.37
N ALA B 245 5.68 9.89 -0.09
CA ALA B 245 5.54 11.33 -0.13
C ALA B 245 4.44 11.69 -1.14
N PRO B 246 3.70 12.79 -0.89
CA PRO B 246 2.60 13.22 -1.75
C PRO B 246 2.95 13.29 -3.24
N GLU B 247 4.14 13.73 -3.60
CA GLU B 247 4.45 13.79 -5.03
C GLU B 247 4.58 12.37 -5.62
N LEU B 248 4.85 11.38 -4.78
CA LEU B 248 4.88 10.00 -5.23
C LEU B 248 3.44 9.45 -5.42
N ILE B 249 2.58 9.75 -4.45
CA ILE B 249 1.17 9.41 -4.55
C ILE B 249 0.61 9.98 -5.85
N PHE B 250 1.01 11.21 -6.15
CA PHE B 250 0.64 11.87 -7.41
C PHE B 250 1.38 11.36 -8.65
N GLY B 251 2.19 10.30 -8.52
CA GLY B 251 2.86 9.73 -9.67
C GLY B 251 3.88 10.62 -10.35
N ALA B 252 4.56 11.46 -9.58
CA ALA B 252 5.63 12.30 -10.15
C ALA B 252 6.83 11.47 -10.59
N THR B 253 7.34 11.74 -11.79
CA THR B 253 8.53 11.07 -12.32
C THR B 253 9.83 11.84 -11.99
N ASP B 254 9.73 13.06 -11.45
CA ASP B 254 10.89 13.95 -11.27
C ASP B 254 11.15 14.37 -9.82
N TYR B 255 11.04 13.46 -8.88
CA TYR B 255 11.13 13.85 -7.49
C TYR B 255 12.59 13.99 -7.02
N THR B 256 12.78 14.67 -5.89
CA THR B 256 14.11 14.87 -5.34
C THR B 256 14.25 13.92 -4.17
N SER B 257 15.39 13.91 -3.50
CA SER B 257 15.57 12.98 -2.40
C SER B 257 14.83 13.44 -1.16
N SER B 258 14.10 14.55 -1.28
CA SER B 258 13.21 14.95 -0.21
C SER B 258 12.07 13.96 0.05
N ILE B 259 11.82 13.00 -0.86
CA ILE B 259 10.89 11.93 -0.54
C ILE B 259 11.34 11.18 0.71
N ASP B 260 12.65 10.91 0.81
CA ASP B 260 13.22 10.30 2.01
C ASP B 260 12.92 11.11 3.29
N VAL B 261 13.05 12.43 3.20
CA VAL B 261 12.77 13.28 4.37
C VAL B 261 11.30 13.20 4.76
N TRP B 262 10.42 13.04 3.77
CA TRP B 262 8.98 12.88 4.05
C TRP B 262 8.68 11.58 4.77
N SER B 263 9.20 10.47 4.24
CA SER B 263 9.09 9.16 4.92
C SER B 263 9.60 9.26 6.37
N ALA B 264 10.76 9.87 6.56
CA ALA B 264 11.36 10.01 7.89
C ALA B 264 10.46 10.81 8.82
N GLY B 265 9.88 11.89 8.30
CA GLY B 265 8.83 12.61 9.03
C GLY B 265 7.67 11.71 9.46
N CYS B 266 7.29 10.74 8.62
CA CYS B 266 6.17 9.85 8.99
C CYS B 266 6.57 8.99 10.17
N VAL B 267 7.74 8.35 10.04
CA VAL B 267 8.27 7.51 11.09
C VAL B 267 8.31 8.27 12.44
N LEU B 268 8.74 9.53 12.40
CA LEU B 268 8.79 10.32 13.61
C LEU B 268 7.40 10.41 14.21
N ALA B 269 6.46 10.89 13.40
CA ALA B 269 5.06 11.00 13.80
C ALA B 269 4.49 9.68 14.33
N GLU B 270 4.85 8.58 13.67
CA GLU B 270 4.36 7.28 14.08
C GLU B 270 4.92 6.88 15.46
N LEU B 271 6.22 7.01 15.64
CA LEU B 271 6.79 6.79 16.96
C LEU B 271 6.21 7.73 18.01
N LEU B 272 5.83 8.95 17.62
CA LEU B 272 5.28 9.89 18.59
C LEU B 272 3.79 9.66 18.80
N LEU B 273 3.11 9.16 17.77
CA LEU B 273 1.67 8.91 17.85
C LEU B 273 1.34 7.52 18.42
N GLY B 274 2.17 6.53 18.13
CA GLY B 274 1.86 5.16 18.51
C GLY B 274 1.15 4.39 17.41
N GLN B 275 0.98 5.06 16.27
CA GLN B 275 0.36 4.47 15.11
C GLN B 275 0.73 5.36 13.91
N PRO B 276 0.56 4.85 12.68
CA PRO B 276 0.80 5.65 11.48
C PRO B 276 -0.03 6.92 11.45
N ILE B 277 0.46 7.95 10.76
CA ILE B 277 -0.21 9.24 10.73
C ILE B 277 -1.00 9.44 9.42
N PHE B 278 -0.53 8.81 8.34
CA PHE B 278 -1.29 8.79 7.10
C PHE B 278 -1.50 7.36 6.65
N PRO B 279 -2.35 6.62 7.35
CA PRO B 279 -2.68 5.26 6.93
C PRO B 279 -3.67 5.25 5.75
N GLY B 280 -3.86 4.07 5.15
CA GLY B 280 -4.76 3.90 4.02
C GLY B 280 -4.11 2.90 3.08
N ASP B 281 -4.93 2.03 2.50
CA ASP B 281 -4.43 1.02 1.59
C ASP B 281 -4.40 1.53 0.16
N SER B 282 -5.06 2.67 -0.05
CA SER B 282 -5.07 3.38 -1.32
C SER B 282 -4.38 4.75 -1.22
N GLY B 283 -3.81 5.19 -2.33
CA GLY B 283 -3.39 6.58 -2.43
C GLY B 283 -4.51 7.53 -2.06
N VAL B 284 -5.73 7.27 -2.54
CA VAL B 284 -6.86 8.15 -2.24
C VAL B 284 -7.05 8.27 -0.72
N ASP B 285 -7.12 7.14 -0.02
CA ASP B 285 -7.25 7.14 1.44
C ASP B 285 -6.10 7.87 2.12
N GLN B 286 -4.88 7.57 1.66
CA GLN B 286 -3.69 8.19 2.20
C GLN B 286 -3.73 9.71 2.06
N LEU B 287 -4.12 10.19 0.88
CA LEU B 287 -4.16 11.62 0.66
C LEU B 287 -5.24 12.29 1.50
N VAL B 288 -6.34 11.60 1.80
CA VAL B 288 -7.41 12.22 2.58
C VAL B 288 -6.91 12.37 4.01
N GLU B 289 -5.98 11.52 4.40
CA GLU B 289 -5.36 11.56 5.73
C GLU B 289 -4.31 12.65 5.83
N ILE B 290 -3.50 12.78 4.77
CA ILE B 290 -2.50 13.83 4.73
C ILE B 290 -3.21 15.19 4.75
N ILE B 291 -4.31 15.30 3.99
CA ILE B 291 -5.03 16.57 3.91
C ILE B 291 -5.69 16.88 5.24
N LYS B 292 -6.22 15.86 5.89
CA LYS B 292 -6.94 16.06 7.14
C LYS B 292 -6.01 16.66 8.20
N VAL B 293 -4.70 16.58 7.98
CA VAL B 293 -3.70 17.24 8.84
C VAL B 293 -3.18 18.55 8.22
N LEU B 294 -2.50 18.45 7.08
CA LEU B 294 -1.93 19.63 6.41
C LEU B 294 -2.98 20.60 5.86
N GLY B 295 -4.11 20.07 5.39
CA GLY B 295 -5.12 20.90 4.74
C GLY B 295 -5.00 20.75 3.24
N THR B 296 -5.94 21.31 2.50
CA THR B 296 -5.92 21.16 1.05
C THR B 296 -4.72 21.94 0.49
N PRO B 297 -3.92 21.30 -0.37
CA PRO B 297 -2.78 22.00 -0.97
C PRO B 297 -3.20 23.05 -1.99
N THR B 298 -2.60 24.22 -1.91
CA THR B 298 -2.79 25.31 -2.85
C THR B 298 -2.49 24.89 -4.29
N ARG B 299 -2.91 25.70 -5.25
CA ARG B 299 -2.59 25.45 -6.65
C ARG B 299 -1.07 25.36 -6.80
N GLU B 300 -0.36 26.30 -6.19
CA GLU B 300 1.10 26.34 -6.23
C GLU B 300 1.68 25.08 -5.63
N GLN B 301 1.13 24.66 -4.51
CA GLN B 301 1.63 23.47 -3.83
C GLN B 301 1.41 22.22 -4.67
N ILE B 302 0.30 22.15 -5.42
CA ILE B 302 0.08 21.00 -6.28
C ILE B 302 1.09 21.05 -7.44
N ARG B 303 1.26 22.21 -8.04
CA ARG B 303 2.19 22.36 -9.16
C ARG B 303 3.65 22.06 -8.75
N GLU B 304 3.94 22.06 -7.45
CA GLU B 304 5.30 21.80 -6.97
C GLU B 304 5.47 20.31 -6.62
N MET B 305 4.35 19.63 -6.48
CA MET B 305 4.36 18.17 -6.36
C MET B 305 4.14 17.52 -7.71
N ASN B 306 3.14 18.01 -8.45
CA ASN B 306 2.90 17.52 -9.80
C ASN B 306 1.88 18.32 -10.59
N PRO B 307 2.34 19.14 -11.56
CA PRO B 307 1.42 19.75 -12.53
C PRO B 307 0.58 18.66 -13.19
N ASN B 308 -0.54 19.02 -13.80
CA ASN B 308 -1.51 18.05 -14.32
C ASN B 308 -2.32 17.40 -13.20
N TYR B 309 -2.06 17.78 -11.95
CA TYR B 309 -2.96 17.48 -10.85
C TYR B 309 -3.55 18.76 -10.31
N THR B 310 -3.08 19.88 -10.86
CA THR B 310 -3.44 21.22 -10.39
C THR B 310 -4.93 21.49 -10.55
N GLU B 311 -5.57 20.79 -11.48
CA GLU B 311 -6.98 21.05 -11.78
C GLU B 311 -7.93 19.90 -11.41
N PHE B 312 -7.54 19.06 -10.45
CA PHE B 312 -8.45 18.02 -9.95
C PHE B 312 -9.24 18.51 -8.74
N LYS B 313 -10.25 17.74 -8.36
CA LYS B 313 -11.21 18.13 -7.33
C LYS B 313 -10.87 17.52 -5.98
N PHE B 314 -10.07 18.24 -5.20
CA PHE B 314 -9.61 17.74 -3.90
C PHE B 314 -10.55 18.14 -2.76
N PRO B 315 -10.62 17.30 -1.70
CA PRO B 315 -11.32 17.64 -0.46
C PRO B 315 -10.88 19.01 0.08
N GLN B 316 -11.84 19.87 0.40
CA GLN B 316 -11.53 21.24 0.81
C GLN B 316 -11.59 21.44 2.33
N ILE B 317 -10.79 20.65 3.05
CA ILE B 317 -10.76 20.75 4.51
C ILE B 317 -9.72 21.76 4.99
N LYS B 318 -10.10 22.59 5.96
CA LYS B 318 -9.18 23.58 6.55
C LYS B 318 -8.13 22.91 7.44
N ALA B 319 -6.92 23.46 7.44
CA ALA B 319 -5.75 22.81 8.05
C ALA B 319 -5.89 22.57 9.55
N HIS B 320 -5.51 21.37 9.98
CA HIS B 320 -5.56 21.02 11.41
C HIS B 320 -4.33 21.51 12.17
N PRO B 321 -4.53 22.19 13.31
CA PRO B 321 -3.38 22.63 14.10
C PRO B 321 -2.57 21.43 14.57
N TRP B 322 -1.25 21.52 14.42
CA TRP B 322 -0.35 20.41 14.71
C TRP B 322 -0.37 19.99 16.18
N THR B 323 -0.57 20.95 17.07
CA THR B 323 -0.59 20.66 18.51
C THR B 323 -1.68 19.64 18.84
N LYS B 324 -2.79 19.69 18.10
CA LYS B 324 -3.92 18.82 18.35
C LYS B 324 -3.89 17.53 17.50
N VAL B 325 -2.79 17.32 16.77
CA VAL B 325 -2.60 16.11 15.98
C VAL B 325 -1.72 15.09 16.69
N PHE B 326 -1.47 15.32 17.98
CA PHE B 326 -0.58 14.48 18.82
C PHE B 326 -1.09 14.34 20.25
N ARG B 327 -0.44 13.46 21.02
CA ARG B 327 -0.75 13.30 22.44
C ARG B 327 -0.47 14.61 23.21
N PRO B 328 -1.21 14.86 24.30
CA PRO B 328 -1.10 16.13 25.01
C PRO B 328 0.20 16.35 25.76
N ARG B 329 0.98 15.30 26.02
CA ARG B 329 2.25 15.49 26.72
C ARG B 329 3.40 15.64 25.73
N THR B 330 3.16 15.24 24.48
CA THR B 330 4.14 15.30 23.40
C THR B 330 4.86 16.64 23.37
N PRO B 331 6.20 16.61 23.39
CA PRO B 331 7.02 17.82 23.39
C PRO B 331 6.83 18.65 22.13
N PRO B 332 6.69 19.97 22.28
CA PRO B 332 6.47 20.90 21.17
C PRO B 332 7.62 20.93 20.18
N GLU B 333 8.83 20.58 20.62
CA GLU B 333 9.97 20.52 19.70
C GLU B 333 9.80 19.38 18.70
N ALA B 334 9.21 18.27 19.13
CA ALA B 334 8.94 17.16 18.20
C ALA B 334 7.78 17.51 17.24
N ILE B 335 6.72 18.09 17.79
CA ILE B 335 5.58 18.53 17.02
C ILE B 335 6.03 19.50 15.91
N ALA B 336 7.10 20.22 16.17
CA ALA B 336 7.60 21.22 15.24
C ALA B 336 8.55 20.63 14.20
N LEU B 337 9.40 19.68 14.59
CA LEU B 337 10.27 19.02 13.62
C LEU B 337 9.37 18.39 12.56
N CYS B 338 8.32 17.69 12.99
CA CYS B 338 7.33 17.10 12.08
C CYS B 338 6.80 18.08 11.03
N SER B 339 6.13 19.12 11.48
CA SER B 339 5.60 20.16 10.59
C SER B 339 6.61 20.65 9.54
N ARG B 340 7.90 20.57 9.87
CA ARG B 340 8.93 21.07 8.96
C ARG B 340 9.44 19.98 8.01
N LEU B 341 9.06 18.74 8.28
CA LEU B 341 9.42 17.63 7.41
C LEU B 341 8.20 17.24 6.53
N LEU B 342 7.04 17.21 7.16
CA LEU B 342 5.80 16.91 6.49
C LEU B 342 5.22 18.16 5.82
N GLU B 343 5.88 18.59 4.74
CA GLU B 343 5.43 19.73 3.93
C GLU B 343 5.04 19.32 2.50
N TYR B 344 3.99 19.92 1.97
CA TYR B 344 3.61 19.64 0.58
C TYR B 344 4.74 19.97 -0.39
N THR B 345 5.18 21.22 -0.38
CA THR B 345 6.26 21.69 -1.25
C THR B 345 7.58 20.95 -0.97
N PRO B 346 7.99 20.11 -1.93
CA PRO B 346 9.18 19.26 -1.74
C PRO B 346 10.42 20.06 -1.41
N THR B 347 10.60 21.23 -2.02
CA THR B 347 11.78 22.05 -1.79
C THR B 347 11.77 22.71 -0.41
N ALA B 348 10.66 22.58 0.30
CA ALA B 348 10.47 23.30 1.57
C ALA B 348 10.74 22.47 2.84
N ARG B 349 11.12 21.22 2.66
CA ARG B 349 11.32 20.33 3.79
C ARG B 349 12.75 20.47 4.24
N LEU B 350 12.99 20.24 5.53
CA LEU B 350 14.35 20.20 6.07
C LEU B 350 15.25 19.25 5.28
N THR B 351 16.44 19.72 4.96
CA THR B 351 17.57 18.85 4.64
C THR B 351 17.75 17.88 5.81
N PRO B 352 18.19 16.64 5.54
CA PRO B 352 18.40 15.74 6.67
C PRO B 352 19.37 16.35 7.69
N LEU B 353 20.41 17.01 7.21
CA LEU B 353 21.39 17.58 8.12
C LEU B 353 20.79 18.70 8.97
N GLU B 354 19.84 19.46 8.42
CA GLU B 354 19.16 20.52 9.15
C GLU B 354 18.28 19.91 10.20
N ALA B 355 17.83 18.70 9.92
CA ALA B 355 16.98 17.97 10.84
C ALA B 355 17.80 17.55 12.04
N CYS B 356 18.95 16.93 11.77
CA CYS B 356 19.88 16.54 12.84
C CYS B 356 20.11 17.69 13.79
N ALA B 357 20.32 18.88 13.21
CA ALA B 357 20.68 20.10 13.93
C ALA B 357 19.49 20.84 14.50
N HIS B 358 18.42 20.12 14.81
CA HIS B 358 17.14 20.76 15.14
C HIS B 358 16.93 20.73 16.65
N SER B 359 16.17 21.70 17.15
CA SER B 359 15.90 21.84 18.59
C SER B 359 15.60 20.52 19.28
N PHE B 360 14.87 19.64 18.59
CA PHE B 360 14.34 18.42 19.17
C PHE B 360 15.44 17.47 19.60
N PHE B 361 16.61 17.57 18.99
CA PHE B 361 17.74 16.72 19.38
C PHE B 361 18.79 17.45 20.24
N ASP B 362 18.40 18.51 20.92
CA ASP B 362 19.39 19.26 21.68
C ASP B 362 19.79 18.43 22.89
N GLU B 363 18.86 17.64 23.42
CA GLU B 363 19.16 16.72 24.52
C GLU B 363 20.26 15.75 24.13
N LEU B 364 20.22 15.28 22.89
CA LEU B 364 21.22 14.32 22.42
C LEU B 364 22.63 14.95 22.45
N ARG B 365 22.69 16.27 22.33
CA ARG B 365 23.94 17.03 22.32
C ARG B 365 24.38 17.47 23.72
N ASP B 366 23.65 17.01 24.73
CA ASP B 366 24.04 17.23 26.11
C ASP B 366 25.16 16.25 26.48
N PRO B 367 26.23 16.75 27.12
CA PRO B 367 27.29 15.84 27.54
C PRO B 367 26.84 14.86 28.62
N ASN B 368 25.83 15.25 29.38
CA ASN B 368 25.28 14.42 30.44
C ASN B 368 24.43 13.23 29.98
N VAL B 369 23.87 13.29 28.77
CA VAL B 369 22.89 12.29 28.30
C VAL B 369 23.35 10.84 28.48
N LYS B 370 22.53 10.07 29.19
CA LYS B 370 22.78 8.65 29.35
C LYS B 370 21.59 7.79 28.85
N LEU B 371 21.87 6.57 28.40
CA LEU B 371 20.82 5.62 28.03
C LEU B 371 20.23 4.98 29.30
N PRO B 372 18.92 4.67 29.29
CA PRO B 372 18.19 4.14 30.46
C PRO B 372 18.85 2.95 31.11
N ASN B 373 19.57 2.17 30.31
CA ASN B 373 20.28 1.01 30.84
C ASN B 373 21.58 1.38 31.52
N GLY B 374 21.94 2.65 31.45
CA GLY B 374 23.18 3.10 32.06
C GLY B 374 24.34 3.23 31.09
N ARG B 375 24.27 2.53 29.96
CA ARG B 375 25.31 2.67 28.93
C ARG B 375 25.33 4.10 28.37
N ASP B 376 26.40 4.47 27.69
CA ASP B 376 26.46 5.79 27.12
C ASP B 376 25.90 5.76 25.73
N THR B 377 25.59 6.94 25.21
CA THR B 377 24.99 7.05 23.90
C THR B 377 25.99 6.56 22.86
N PRO B 378 25.49 6.12 21.69
CA PRO B 378 26.35 5.76 20.57
C PRO B 378 26.96 7.00 20.02
N ALA B 379 27.94 6.88 19.13
CA ALA B 379 28.68 8.06 18.70
C ALA B 379 27.88 8.88 17.70
N LEU B 380 27.45 10.06 18.12
CA LEU B 380 26.51 10.85 17.33
C LEU B 380 27.10 12.10 16.68
N PHE B 381 28.39 12.37 16.91
CA PHE B 381 29.01 13.64 16.48
C PHE B 381 30.32 13.54 15.69
N ASN B 382 30.70 12.32 15.32
CA ASN B 382 31.92 12.10 14.55
C ASN B 382 31.72 12.37 13.06
N PHE B 383 31.34 13.60 12.75
CA PHE B 383 30.93 13.99 11.40
C PHE B 383 32.08 14.17 10.43
N THR B 384 32.07 13.43 9.32
CA THR B 384 33.03 13.65 8.23
C THR B 384 32.63 14.86 7.40
N THR B 385 33.49 15.28 6.48
CA THR B 385 33.19 16.46 5.70
C THR B 385 32.20 16.05 4.65
N GLN B 386 32.37 14.83 4.16
CA GLN B 386 31.41 14.21 3.25
C GLN B 386 29.99 14.35 3.78
N GLU B 387 29.79 14.00 5.04
CA GLU B 387 28.45 14.09 5.63
C GLU B 387 27.97 15.52 5.69
N LEU B 388 28.89 16.42 6.04
CA LEU B 388 28.54 17.82 6.30
C LEU B 388 28.46 18.66 5.01
N SER B 389 28.85 18.06 3.88
CA SER B 389 29.02 18.81 2.62
C SER B 389 27.78 19.59 2.18
N SER B 390 26.60 19.04 2.46
CA SER B 390 25.33 19.76 2.31
C SER B 390 25.40 21.19 2.87
N ASN B 391 25.95 21.34 4.08
CA ASN B 391 25.91 22.61 4.76
C ASN B 391 26.90 22.71 5.93
N PRO B 392 28.21 22.75 5.62
CA PRO B 392 29.32 22.71 6.59
C PRO B 392 29.20 23.62 7.83
N PRO B 393 28.72 24.87 7.68
CA PRO B 393 28.52 25.66 8.89
C PRO B 393 27.55 25.09 9.94
N LEU B 394 26.84 24.01 9.66
CA LEU B 394 25.91 23.49 10.66
C LEU B 394 26.68 22.66 11.66
N ALA B 395 28.00 22.56 11.47
CA ALA B 395 28.83 21.87 12.45
C ALA B 395 28.78 22.63 13.77
N THR B 396 28.71 23.96 13.69
CA THR B 396 28.50 24.86 14.83
C THR B 396 27.46 24.32 15.80
N ILE B 397 26.34 23.83 15.25
CA ILE B 397 25.27 23.24 16.05
C ILE B 397 25.52 21.77 16.31
N LEU B 398 25.73 21.02 15.22
CA LEU B 398 25.89 19.57 15.24
C LEU B 398 26.96 19.01 16.19
N ILE B 399 28.20 19.50 16.07
CA ILE B 399 29.28 19.04 16.96
C ILE B 399 29.37 19.92 18.23
N PRO B 400 28.86 19.42 19.35
CA PRO B 400 28.73 20.21 20.59
C PRO B 400 30.10 20.46 21.27
N PRO B 401 30.19 21.45 22.17
CA PRO B 401 31.51 21.80 22.70
C PRO B 401 32.33 20.60 23.16
N HIS B 402 31.75 19.71 23.97
CA HIS B 402 32.52 18.63 24.58
C HIS B 402 33.00 17.60 23.56
N ALA B 403 32.51 17.70 22.34
CA ALA B 403 32.94 16.76 21.33
C ALA B 403 34.15 17.33 20.63
N ARG B 404 34.63 18.46 21.11
CA ARG B 404 35.83 19.06 20.56
C ARG B 404 36.97 18.98 21.57
N ILE B 405 36.62 18.76 22.83
CA ILE B 405 37.60 18.53 23.89
C ILE B 405 38.43 17.30 23.53
N GLN B 406 39.75 17.48 23.40
CA GLN B 406 40.66 16.40 23.03
C GLN B 406 42.11 16.85 23.16
O2 2WE C . -16.94 0.11 5.38
C3 2WE C . -18.09 -0.14 4.78
C4 2WE C . -18.55 0.60 3.69
S5 2WE C . -20.07 -0.13 3.34
C6 2WE C . -20.06 -1.33 4.55
N7 2WE C . -18.90 -1.12 5.18
C8 2WE C . -21.08 -2.36 4.84
C9 2WE C . -22.33 -2.36 4.22
C10 2WE C . -23.23 -3.36 4.55
N11 2WE C . -22.88 -4.31 5.44
C12 2WE C . -21.67 -4.33 6.04
C13 2WE C . -20.75 -3.34 5.74
N14 2WE C . -21.36 -5.28 6.94
C15 2WE C . -20.15 -5.70 7.38
O16 2WE C . -19.19 -4.95 7.54
C17 2WE C . -20.00 -7.16 7.71
C18 2WE C . -18.68 -7.57 8.35
C19 2WE C . -19.94 -7.50 9.21
C20 2WE C . -17.98 1.75 2.94
O21 2WE C . -18.66 2.32 2.12
N22 2WE C . -16.72 2.14 3.18
O2 2WE D . 14.46 -7.44 4.80
C3 2WE D . 15.73 -7.25 5.17
C4 2WE D . 16.63 -6.71 4.27
S5 2WE D . 18.09 -6.66 5.17
C6 2WE D . 17.50 -7.33 6.65
N7 2WE D . 16.21 -7.55 6.39
C8 2WE D . 18.32 -7.50 7.88
C9 2WE D . 19.69 -7.24 7.91
C10 2WE D . 20.40 -7.38 9.08
N11 2WE D . 19.76 -7.75 10.20
C12 2WE D . 18.42 -8.00 10.21
C13 2WE D . 17.69 -7.87 9.06
N14 2WE D . 17.84 -8.38 11.36
C15 2WE D . 16.54 -8.55 11.65
O16 2WE D . 15.69 -8.57 10.79
C17 2WE D . 16.10 -8.72 13.08
C18 2WE D . 14.69 -8.26 13.44
C19 2WE D . 15.01 -9.75 13.39
C20 2WE D . 16.49 -6.26 2.86
O21 2WE D . 17.48 -5.95 2.22
N22 2WE D . 15.28 -6.18 2.31
#